data_6YQA
#
_entry.id   6YQA
#
_cell.length_a   65.684
_cell.length_b   103.320
_cell.length_c   75.508
_cell.angle_alpha   90.000
_cell.angle_beta   103.827
_cell.angle_gamma   90.000
#
_symmetry.space_group_name_H-M   'P 1 21 1'
#
loop_
_entity.id
_entity.type
_entity.pdbx_description
1 polymer Alpha-amylase
2 non-polymer 2-acetamido-2-deoxy-beta-D-glucopyranose
3 non-polymer 1,2-ETHANEDIOL
4 non-polymer 'CALCIUM ION'
5 non-polymer alpha-D-glucopyranose
6 non-polymer (1~{S},2~{R},3~{R},4~{R},5~{R})-5-(8-azanyloctylamino)-4-(hydroxymethyl)cyclohexane-1,2,3-triol
7 water water
#
_entity_poly.entity_id   1
_entity_poly.type   'polypeptide(L)'
_entity_poly.pdbx_seq_one_letter_code
;MMVAWWSLFLYGLQVAAPALAATPADWRSQSIYFLLTDRFARTDGSTTATCNTADQKYCGGTWQGIIDKLDYIQGMGFTA
IWITPVTAQLPQTTAYGDAYHGYWQQDIYSLNENYGTADDLKALSSALHERGMYLMVDVVANHMGYDGAGSSVDYSVFKP
FSSQDYFHPFCFIQNYEDQTQVEDCWLGDNTVSLPDLDTTKDVVKNEWYDWVGSLVSNYSIDGLRIDTVKHVQKDFWPGY
NKAAGVYCIGEVLDGDPAYTCPYQNVMDGVLNYPIYYPLLNAFKSTSGSMDDLYNMINTVKSDCPDSTLLGTFVENHDNP
RFASYTNDIALAKNVAAFIILNDGIPIIYAGQEQHYAGGNDPANREATWLSGYPTDSELYKLIASANAIRNYAISKDTGF
VTYKNWPIYKDDTTIAMRKGTDGSQIVTILSNKGASGDSYTLSLSGAGYTAGQQLTEVIGCTTVTVGSDGNVPVPMAGGL
PRVLYPTEKLAGSKICSSS
;
_entity_poly.pdbx_strand_id   AAA,BBB
#
loop_
_chem_comp.id
_chem_comp.type
_chem_comp.name
_chem_comp.formula
CA non-polymer 'CALCIUM ION' 'Ca 2'
EDO non-polymer 1,2-ETHANEDIOL 'C2 H6 O2'
GLC D-saccharide, alpha linking alpha-D-glucopyranose 'C6 H12 O6'
NAG D-saccharide, beta linking 2-acetamido-2-deoxy-beta-D-glucopyranose 'C8 H15 N O6'
P9Q non-polymer (1~{S},2~{R},3~{R},4~{R},5~{R})-5-(8-azanyloctylamino)-4-(hydroxymethyl)cyclohexane-1,2,3-triol 'C15 H32 N2 O4'
#
# COMPACT_ATOMS: atom_id res chain seq x y z
N ALA A 22 -1.29 -4.69 -23.97
CA ALA A 22 -0.12 -4.56 -23.04
C ALA A 22 -0.59 -4.84 -21.63
N THR A 23 0.28 -5.47 -20.83
CA THR A 23 -0.07 -6.01 -19.48
C THR A 23 -0.12 -4.85 -18.49
N PRO A 24 -0.75 -5.01 -17.32
CA PRO A 24 -0.61 -4.03 -16.24
C PRO A 24 0.86 -3.68 -15.93
N ALA A 25 1.78 -4.64 -15.97
CA ALA A 25 3.22 -4.36 -15.70
C ALA A 25 3.78 -3.47 -16.81
N ASP A 26 3.41 -3.72 -18.06
CA ASP A 26 3.87 -2.87 -19.19
C ASP A 26 3.39 -1.42 -18.95
N TRP A 27 2.21 -1.23 -18.38
CA TRP A 27 1.55 0.10 -18.33
C TRP A 27 2.10 0.94 -17.18
N ARG A 28 2.69 0.32 -16.17
CA ARG A 28 3.22 1.03 -14.98
C ARG A 28 4.13 2.20 -15.40
N SER A 29 4.95 2.01 -16.43
CA SER A 29 5.99 3.02 -16.82
C SER A 29 5.46 4.06 -17.81
N GLN A 30 4.18 3.96 -18.19
CA GLN A 30 3.61 4.87 -19.23
C GLN A 30 3.20 6.21 -18.58
N SER A 31 3.03 7.21 -19.42
CA SER A 31 2.47 8.54 -19.09
C SER A 31 1.43 8.86 -20.18
N ILE A 32 0.18 9.14 -19.79
CA ILE A 32 -0.98 9.26 -20.73
C ILE A 32 -1.34 10.72 -20.99
N TYR A 33 -1.49 11.06 -22.28
CA TYR A 33 -2.22 12.24 -22.76
C TYR A 33 -3.64 11.82 -23.13
N PHE A 34 -4.60 12.30 -22.34
CA PHE A 34 -6.05 12.03 -22.53
C PHE A 34 -6.65 13.16 -23.40
N LEU A 35 -7.31 12.78 -24.49
CA LEU A 35 -7.92 13.76 -25.42
C LEU A 35 -9.33 13.36 -25.87
N LEU A 36 -10.14 14.35 -26.25
CA LEU A 36 -11.45 14.12 -26.89
C LEU A 36 -11.21 14.10 -28.40
N THR A 37 -11.50 12.97 -29.03
CA THR A 37 -11.25 12.82 -30.48
C THR A 37 -11.92 13.98 -31.24
N ASP A 38 -13.14 14.34 -30.88
CA ASP A 38 -13.84 15.48 -31.52
C ASP A 38 -13.15 16.84 -31.30
N ARG A 39 -12.27 16.97 -30.31
CA ARG A 39 -11.82 18.32 -29.87
C ARG A 39 -10.32 18.49 -30.01
N PHE A 40 -9.53 17.46 -30.37
CA PHE A 40 -8.05 17.59 -30.28
C PHE A 40 -7.48 18.14 -31.60
N ALA A 41 -7.81 17.47 -32.72
CA ALA A 41 -7.21 17.84 -34.03
C ALA A 41 -8.15 17.50 -35.19
N ARG A 42 -8.36 18.45 -36.09
CA ARG A 42 -9.10 18.21 -37.34
C ARG A 42 -8.17 17.63 -38.41
N THR A 43 -8.73 16.95 -39.40
CA THR A 43 -7.96 16.46 -40.59
C THR A 43 -7.29 17.65 -41.31
N ASP A 44 -7.96 18.79 -41.42
CA ASP A 44 -7.45 19.97 -42.17
C ASP A 44 -6.38 20.71 -41.36
N GLY A 45 -6.12 20.30 -40.11
CA GLY A 45 -5.11 20.90 -39.20
C GLY A 45 -5.39 22.35 -38.83
N SER A 46 -6.60 22.85 -39.01
CA SER A 46 -6.95 24.25 -38.70
C SER A 46 -6.70 24.50 -37.22
N THR A 47 -6.19 25.68 -36.89
CA THR A 47 -6.07 26.16 -35.49
C THR A 47 -7.11 27.26 -35.27
N THR A 48 -8.05 27.48 -36.20
CA THR A 48 -9.02 28.60 -36.12
C THR A 48 -10.46 28.13 -36.31
N ALA A 49 -10.73 26.90 -36.71
CA ALA A 49 -12.12 26.38 -36.87
C ALA A 49 -12.88 26.58 -35.56
N THR A 50 -14.08 27.13 -35.69
CA THR A 50 -14.99 27.46 -34.57
C THR A 50 -15.29 26.20 -33.78
N CYS A 51 -15.19 26.29 -32.47
CA CYS A 51 -15.66 25.23 -31.55
C CYS A 51 -16.24 25.92 -30.33
N ASN A 52 -17.51 26.26 -30.39
CA ASN A 52 -18.17 26.97 -29.27
C ASN A 52 -18.65 25.85 -28.33
N THR A 53 -18.04 25.68 -27.16
CA THR A 53 -18.34 24.49 -26.29
C THR A 53 -19.82 24.49 -25.88
N ALA A 54 -20.43 25.66 -25.70
CA ALA A 54 -21.85 25.80 -25.29
C ALA A 54 -22.80 25.20 -26.36
N ASP A 55 -22.40 25.15 -27.63
CA ASP A 55 -23.24 24.51 -28.70
C ASP A 55 -23.35 22.99 -28.48
N GLN A 56 -22.32 22.35 -27.89
CA GLN A 56 -22.33 20.89 -27.58
C GLN A 56 -22.50 20.09 -28.88
N LYS A 57 -21.87 20.55 -29.95
CA LYS A 57 -21.94 19.88 -31.27
C LYS A 57 -20.56 19.41 -31.69
N TYR A 58 -20.53 18.46 -32.64
CA TYR A 58 -19.28 18.00 -33.26
C TYR A 58 -18.54 19.22 -33.80
N CYS A 59 -17.28 19.37 -33.44
CA CYS A 59 -16.39 20.44 -33.90
C CYS A 59 -15.45 19.92 -34.98
N GLY A 60 -15.40 18.62 -35.20
CA GLY A 60 -14.78 18.02 -36.39
C GLY A 60 -13.44 17.35 -36.15
N GLY A 61 -13.04 17.09 -34.89
CA GLY A 61 -11.78 16.37 -34.67
C GLY A 61 -11.84 14.92 -35.13
N THR A 62 -10.72 14.35 -35.55
CA THR A 62 -10.64 13.01 -36.19
C THR A 62 -9.40 12.24 -35.71
N TRP A 63 -9.39 10.93 -36.02
CA TRP A 63 -8.26 10.01 -35.77
C TRP A 63 -7.06 10.48 -36.60
N GLN A 64 -7.29 10.91 -37.85
CA GLN A 64 -6.20 11.41 -38.74
C GLN A 64 -5.59 12.68 -38.13
N GLY A 65 -6.41 13.58 -37.59
CA GLY A 65 -5.90 14.79 -36.94
C GLY A 65 -4.93 14.43 -35.82
N ILE A 66 -5.27 13.44 -34.99
CA ILE A 66 -4.37 12.98 -33.87
C ILE A 66 -3.01 12.54 -34.46
N ILE A 67 -3.04 11.74 -35.52
CA ILE A 67 -1.81 11.21 -36.17
C ILE A 67 -0.91 12.40 -36.50
N ASP A 68 -1.50 13.40 -37.13
CA ASP A 68 -0.78 14.59 -37.67
C ASP A 68 -0.16 15.38 -36.50
N LYS A 69 -0.66 15.23 -35.25
CA LYS A 69 -0.12 16.05 -34.11
C LYS A 69 0.64 15.17 -33.11
N LEU A 70 1.00 13.94 -33.46
CA LEU A 70 1.70 13.04 -32.49
C LEU A 70 3.04 13.63 -32.05
N ASP A 71 3.70 14.45 -32.87
CA ASP A 71 4.97 15.14 -32.48
C ASP A 71 4.69 16.08 -31.30
N TYR A 72 3.56 16.77 -31.33
CA TYR A 72 3.13 17.70 -30.27
C TYR A 72 2.97 16.94 -28.95
N ILE A 73 2.29 15.81 -29.01
CA ILE A 73 2.04 14.96 -27.81
C ILE A 73 3.37 14.37 -27.33
N GLN A 74 4.16 13.82 -28.24
CA GLN A 74 5.38 13.07 -27.86
C GLN A 74 6.42 14.07 -27.36
N GLY A 75 6.38 15.32 -27.83
CA GLY A 75 7.27 16.41 -27.41
C GLY A 75 7.13 16.76 -25.93
N MET A 76 6.00 16.42 -25.30
CA MET A 76 5.83 16.62 -23.83
C MET A 76 6.30 15.38 -23.04
N GLY A 77 6.78 14.33 -23.73
CA GLY A 77 7.33 13.10 -23.13
C GLY A 77 6.25 12.09 -22.77
N PHE A 78 5.01 12.22 -23.25
CA PHE A 78 3.96 11.18 -23.05
C PHE A 78 4.32 9.93 -23.89
N THR A 79 3.94 8.76 -23.38
CA THR A 79 4.24 7.43 -23.99
C THR A 79 2.96 6.80 -24.53
N ALA A 80 1.81 7.45 -24.35
CA ALA A 80 0.50 6.84 -24.61
C ALA A 80 -0.57 7.91 -24.73
N ILE A 81 -1.64 7.62 -25.46
CA ILE A 81 -2.83 8.51 -25.47
C ILE A 81 -4.06 7.68 -25.07
N TRP A 82 -4.99 8.37 -24.44
CA TRP A 82 -6.35 7.84 -24.14
C TRP A 82 -7.33 8.67 -24.98
N ILE A 83 -8.04 7.99 -25.89
CA ILE A 83 -9.03 8.64 -26.80
C ILE A 83 -10.43 8.26 -26.31
N THR A 84 -11.40 9.11 -26.60
CA THR A 84 -12.82 8.90 -26.22
C THR A 84 -13.40 7.79 -27.10
N PRO A 85 -14.55 7.22 -26.70
CA PRO A 85 -15.04 6.01 -27.34
C PRO A 85 -15.27 6.12 -28.85
N VAL A 86 -15.18 4.98 -29.52
CA VAL A 86 -15.06 4.91 -31.00
C VAL A 86 -16.34 4.37 -31.61
N THR A 87 -17.30 3.87 -30.81
CA THR A 87 -18.50 3.17 -31.33
C THR A 87 -19.50 4.20 -31.88
N ALA A 88 -20.33 3.76 -32.83
CA ALA A 88 -21.37 4.57 -33.46
C ALA A 88 -22.42 4.98 -32.42
N GLN A 89 -22.89 6.22 -32.55
CA GLN A 89 -23.68 6.91 -31.49
C GLN A 89 -25.12 7.13 -31.94
N LEU A 90 -25.96 7.63 -31.02
CA LEU A 90 -27.25 8.23 -31.45
C LEU A 90 -26.94 9.32 -32.46
N PRO A 91 -27.78 9.45 -33.51
CA PRO A 91 -27.54 10.40 -34.60
C PRO A 91 -28.02 11.82 -34.32
N GLN A 92 -28.99 11.95 -33.42
CA GLN A 92 -29.63 13.26 -33.20
C GLN A 92 -28.73 14.31 -32.59
N THR A 93 -29.04 15.56 -32.93
CA THR A 93 -28.56 16.65 -32.07
C THR A 93 -29.70 16.73 -31.05
N THR A 94 -29.43 16.30 -29.81
CA THR A 94 -30.37 16.27 -28.66
C THR A 94 -30.52 17.67 -28.09
N ALA A 95 -31.41 17.87 -27.12
CA ALA A 95 -31.46 19.16 -26.38
C ALA A 95 -30.11 19.42 -25.69
N TYR A 96 -29.25 18.40 -25.47
CA TYR A 96 -27.91 18.55 -24.85
C TYR A 96 -26.81 18.43 -25.90
N GLY A 97 -27.18 18.59 -27.16
CA GLY A 97 -26.19 18.58 -28.27
C GLY A 97 -25.97 17.17 -28.80
N ASP A 98 -24.87 17.03 -29.53
CA ASP A 98 -24.46 15.82 -30.27
C ASP A 98 -23.74 14.85 -29.35
N ALA A 99 -23.60 13.60 -29.78
CA ALA A 99 -22.76 12.56 -29.13
C ALA A 99 -21.28 12.74 -29.46
N TYR A 100 -20.75 13.98 -29.44
CA TYR A 100 -19.35 14.34 -29.85
C TYR A 100 -18.33 13.66 -28.91
N HIS A 101 -18.79 13.33 -27.70
CA HIS A 101 -17.99 12.75 -26.60
C HIS A 101 -17.90 11.23 -26.68
N GLY A 102 -18.77 10.55 -27.43
CA GLY A 102 -18.71 9.08 -27.65
C GLY A 102 -19.40 8.25 -26.58
N TYR A 103 -20.09 8.86 -25.60
CA TYR A 103 -20.65 8.10 -24.46
C TYR A 103 -22.12 7.76 -24.65
N TRP A 104 -22.68 7.97 -25.85
CA TRP A 104 -24.09 7.69 -26.19
C TRP A 104 -24.19 6.65 -27.33
N GLN A 105 -23.69 5.44 -27.09
CA GLN A 105 -23.53 4.42 -28.17
C GLN A 105 -24.90 3.82 -28.56
N GLN A 106 -25.05 3.42 -29.82
CA GLN A 106 -26.22 2.61 -30.25
C GLN A 106 -25.77 1.35 -30.98
N ASP A 107 -24.76 1.44 -31.84
CA ASP A 107 -24.29 0.28 -32.66
C ASP A 107 -22.81 0.07 -32.36
N ILE A 108 -22.51 -0.89 -31.49
CA ILE A 108 -21.14 -1.17 -30.99
C ILE A 108 -20.32 -1.87 -32.09
N TYR A 109 -20.96 -2.38 -33.17
CA TYR A 109 -20.25 -3.08 -34.27
C TYR A 109 -20.03 -2.10 -35.43
N SER A 110 -20.28 -0.80 -35.23
CA SER A 110 -19.91 0.25 -36.20
C SER A 110 -19.09 1.32 -35.49
N LEU A 111 -18.23 2.02 -36.24
CA LEU A 111 -17.45 3.15 -35.72
C LEU A 111 -18.23 4.43 -35.92
N ASN A 112 -17.91 5.43 -35.10
CA ASN A 112 -18.45 6.79 -35.24
C ASN A 112 -17.78 7.40 -36.47
N GLU A 113 -18.50 7.50 -37.58
CA GLU A 113 -17.90 7.98 -38.87
C GLU A 113 -17.45 9.44 -38.75
N ASN A 114 -17.90 10.21 -37.74
CA ASN A 114 -17.39 11.60 -37.54
C ASN A 114 -15.86 11.61 -37.42
N TYR A 115 -15.26 10.58 -36.84
CA TYR A 115 -13.81 10.57 -36.53
C TYR A 115 -12.97 9.95 -37.66
N GLY A 116 -13.64 9.25 -38.58
CA GLY A 116 -12.98 8.62 -39.74
C GLY A 116 -13.47 7.21 -39.95
N THR A 117 -12.63 6.41 -40.61
CA THR A 117 -12.96 5.01 -41.02
C THR A 117 -12.20 4.05 -40.13
N ALA A 118 -12.52 2.77 -40.26
CA ALA A 118 -11.81 1.66 -39.61
C ALA A 118 -10.33 1.71 -39.99
N ASP A 119 -10.00 2.09 -41.24
CA ASP A 119 -8.57 2.22 -41.67
C ASP A 119 -7.89 3.39 -40.93
N ASP A 120 -8.60 4.46 -40.64
CA ASP A 120 -8.04 5.62 -39.89
C ASP A 120 -7.72 5.21 -38.44
N LEU A 121 -8.63 4.54 -37.74
CA LEU A 121 -8.36 4.08 -36.34
C LEU A 121 -7.21 3.08 -36.34
N LYS A 122 -7.14 2.19 -37.34
CA LYS A 122 -5.99 1.26 -37.45
C LYS A 122 -4.71 2.06 -37.72
N ALA A 123 -4.76 3.09 -38.54
CA ALA A 123 -3.56 3.92 -38.89
C ALA A 123 -3.08 4.68 -37.64
N LEU A 124 -3.99 5.03 -36.74
CA LEU A 124 -3.62 5.75 -35.49
C LEU A 124 -2.88 4.78 -34.56
N SER A 125 -3.42 3.58 -34.38
CA SER A 125 -2.77 2.47 -33.62
C SER A 125 -1.37 2.25 -34.18
N SER A 126 -1.23 2.11 -35.50
CA SER A 126 0.11 1.79 -36.07
C SER A 126 1.02 3.02 -35.93
N ALA A 127 0.53 4.25 -36.09
CA ALA A 127 1.37 5.48 -35.96
C ALA A 127 1.94 5.59 -34.53
N LEU A 128 1.10 5.37 -33.53
CA LEU A 128 1.56 5.29 -32.13
C LEU A 128 2.59 4.17 -32.00
N HIS A 129 2.32 2.96 -32.50
CA HIS A 129 3.23 1.81 -32.33
C HIS A 129 4.58 2.10 -32.97
N GLU A 130 4.60 2.85 -34.06
CA GLU A 130 5.84 3.14 -34.81
C GLU A 130 6.71 4.10 -33.98
N ARG A 131 6.10 4.84 -33.06
CA ARG A 131 6.82 5.79 -32.17
C ARG A 131 7.11 5.15 -30.80
N GLY A 132 6.75 3.89 -30.62
CA GLY A 132 6.93 3.21 -29.33
C GLY A 132 5.89 3.65 -28.31
N MET A 133 4.74 4.12 -28.77
CA MET A 133 3.66 4.67 -27.91
C MET A 133 2.51 3.68 -27.83
N TYR A 134 1.65 3.80 -26.81
CA TYR A 134 0.48 2.91 -26.62
C TYR A 134 -0.80 3.67 -26.98
N LEU A 135 -1.81 2.92 -27.40
CA LEU A 135 -3.18 3.42 -27.63
C LEU A 135 -4.04 2.87 -26.51
N MET A 136 -4.71 3.77 -25.78
CA MET A 136 -5.75 3.35 -24.80
C MET A 136 -7.08 3.89 -25.34
N VAL A 137 -8.12 3.07 -25.32
CA VAL A 137 -9.45 3.42 -25.89
C VAL A 137 -10.44 3.33 -24.74
N ASP A 138 -11.27 4.37 -24.66
CA ASP A 138 -12.37 4.55 -23.69
C ASP A 138 -13.53 3.64 -24.12
N VAL A 139 -14.18 2.96 -23.18
CA VAL A 139 -15.31 2.06 -23.51
C VAL A 139 -16.36 2.18 -22.40
N VAL A 140 -17.60 1.95 -22.78
CA VAL A 140 -18.77 1.94 -21.87
C VAL A 140 -19.42 0.58 -22.01
N ALA A 141 -19.67 -0.12 -20.89
CA ALA A 141 -20.44 -1.36 -20.87
C ALA A 141 -21.78 -1.12 -20.20
N ASN A 142 -21.90 -0.09 -19.38
CA ASN A 142 -23.08 0.12 -18.50
C ASN A 142 -24.34 0.41 -19.34
N HIS A 143 -24.22 1.23 -20.37
CA HIS A 143 -25.40 1.83 -21.03
C HIS A 143 -25.21 2.12 -22.51
N MET A 144 -26.36 2.21 -23.20
CA MET A 144 -26.46 2.82 -24.54
C MET A 144 -26.92 4.28 -24.36
N GLY A 145 -27.15 5.00 -25.47
CA GLY A 145 -27.79 6.32 -25.41
C GLY A 145 -28.94 6.44 -26.39
N TYR A 146 -29.95 7.23 -26.02
CA TYR A 146 -31.18 7.41 -26.81
C TYR A 146 -31.69 8.84 -26.62
N ASP A 147 -32.04 9.51 -27.72
CA ASP A 147 -32.60 10.87 -27.67
C ASP A 147 -34.06 10.74 -27.22
N GLY A 148 -34.37 11.12 -26.00
CA GLY A 148 -35.78 11.03 -25.59
C GLY A 148 -35.90 10.32 -24.29
N ALA A 149 -37.13 10.37 -23.75
CA ALA A 149 -37.47 9.84 -22.42
C ALA A 149 -37.38 8.31 -22.47
N GLY A 150 -37.31 7.66 -21.33
CA GLY A 150 -37.21 6.19 -21.18
C GLY A 150 -38.37 5.48 -21.83
N SER A 151 -39.59 5.98 -21.66
CA SER A 151 -40.84 5.43 -22.24
C SER A 151 -40.87 5.52 -23.79
N SER A 152 -40.05 6.36 -24.42
CA SER A 152 -40.05 6.56 -25.89
C SER A 152 -39.02 5.62 -26.57
N VAL A 153 -38.23 4.84 -25.81
CA VAL A 153 -37.06 4.12 -26.38
C VAL A 153 -37.52 3.02 -27.35
N ASP A 154 -37.05 3.06 -28.59
CA ASP A 154 -37.23 1.94 -29.55
C ASP A 154 -35.96 1.08 -29.46
N TYR A 155 -36.05 -0.05 -28.75
CA TYR A 155 -34.86 -0.88 -28.39
C TYR A 155 -34.27 -1.48 -29.65
N SER A 156 -34.99 -1.43 -30.77
CA SER A 156 -34.54 -2.03 -32.05
C SER A 156 -33.37 -1.22 -32.63
N VAL A 157 -33.07 0.00 -32.16
CA VAL A 157 -31.94 0.78 -32.73
C VAL A 157 -30.59 0.29 -32.14
N PHE A 158 -30.60 -0.43 -31.01
CA PHE A 158 -29.35 -0.88 -30.33
C PHE A 158 -28.85 -2.18 -30.98
N LYS A 159 -27.58 -2.21 -31.40
CA LYS A 159 -26.92 -3.39 -32.02
C LYS A 159 -25.73 -3.77 -31.14
N PRO A 160 -25.69 -5.01 -30.58
CA PRO A 160 -26.65 -6.08 -30.88
C PRO A 160 -27.83 -6.21 -29.92
N PHE A 161 -27.92 -5.32 -28.92
CA PHE A 161 -28.90 -5.42 -27.82
C PHE A 161 -30.27 -4.85 -28.26
N SER A 162 -30.86 -5.46 -29.28
CA SER A 162 -31.99 -4.90 -30.06
C SER A 162 -33.33 -5.30 -29.42
N SER A 163 -33.39 -5.35 -28.11
CA SER A 163 -34.64 -5.73 -27.42
C SER A 163 -34.60 -5.22 -25.99
N GLN A 164 -35.76 -4.81 -25.49
CA GLN A 164 -35.99 -4.46 -24.08
C GLN A 164 -35.45 -5.58 -23.15
N ASP A 165 -35.42 -6.84 -23.62
CA ASP A 165 -35.05 -8.02 -22.79
C ASP A 165 -33.60 -7.88 -22.31
N TYR A 166 -32.77 -7.12 -23.01
CA TYR A 166 -31.33 -6.95 -22.66
C TYR A 166 -31.15 -5.90 -21.56
N PHE A 167 -32.21 -5.16 -21.18
CA PHE A 167 -32.10 -3.95 -20.33
C PHE A 167 -32.79 -4.16 -18.99
N HIS A 168 -32.27 -3.49 -17.97
CA HIS A 168 -32.91 -3.35 -16.65
C HIS A 168 -34.21 -2.57 -16.79
N PRO A 169 -35.26 -2.92 -16.02
CA PRO A 169 -36.48 -2.13 -16.05
C PRO A 169 -36.17 -0.65 -15.79
N PHE A 170 -36.86 0.23 -16.51
CA PHE A 170 -36.70 1.71 -16.45
C PHE A 170 -36.90 2.21 -15.03
N CYS A 171 -35.89 2.88 -14.48
CA CYS A 171 -35.94 3.65 -13.21
C CYS A 171 -34.74 4.58 -13.22
N PHE A 172 -34.79 5.69 -12.49
CA PHE A 172 -33.61 6.57 -12.33
C PHE A 172 -32.91 6.26 -11.01
N ILE A 173 -31.63 6.57 -10.95
CA ILE A 173 -30.87 6.44 -9.68
C ILE A 173 -31.19 7.66 -8.82
N GLN A 174 -31.84 7.46 -7.68
CA GLN A 174 -32.19 8.59 -6.76
C GLN A 174 -31.37 8.46 -5.48
N ASN A 175 -31.20 7.25 -4.95
CA ASN A 175 -30.44 6.95 -3.71
C ASN A 175 -29.06 6.40 -4.07
N TYR A 176 -28.05 7.27 -4.22
CA TYR A 176 -26.67 6.87 -4.58
C TYR A 176 -26.03 6.09 -3.42
N GLU A 177 -26.68 5.97 -2.24
CA GLU A 177 -26.22 5.16 -1.08
C GLU A 177 -26.63 3.70 -1.23
N ASP A 178 -27.55 3.40 -2.15
CA ASP A 178 -28.12 2.05 -2.36
C ASP A 178 -27.37 1.50 -3.57
N GLN A 179 -26.35 0.68 -3.34
CA GLN A 179 -25.48 0.17 -4.43
C GLN A 179 -26.36 -0.61 -5.43
N THR A 180 -27.44 -1.26 -4.98
CA THR A 180 -28.34 -2.00 -5.90
C THR A 180 -28.96 -1.03 -6.91
N GLN A 181 -29.47 0.11 -6.44
CA GLN A 181 -30.13 1.11 -7.32
C GLN A 181 -29.05 1.70 -8.25
N VAL A 182 -27.85 1.98 -7.71
CA VAL A 182 -26.69 2.50 -8.50
C VAL A 182 -26.40 1.57 -9.69
N GLU A 183 -26.49 0.25 -9.48
CA GLU A 183 -26.17 -0.73 -10.57
C GLU A 183 -27.39 -1.02 -11.44
N ASP A 184 -28.59 -1.10 -10.85
CA ASP A 184 -29.76 -1.62 -11.63
C ASP A 184 -30.61 -0.51 -12.27
N CYS A 185 -30.56 0.74 -11.78
CA CYS A 185 -31.34 1.88 -12.35
C CYS A 185 -30.52 2.62 -13.42
N TRP A 186 -31.19 3.47 -14.18
CA TRP A 186 -30.61 4.16 -15.36
C TRP A 186 -29.99 5.48 -14.92
N LEU A 187 -28.84 5.79 -15.52
CA LEU A 187 -28.27 7.14 -15.56
C LEU A 187 -29.09 8.02 -16.53
N GLY A 188 -28.61 9.25 -16.75
CA GLY A 188 -29.21 10.25 -17.65
C GLY A 188 -30.53 10.76 -17.10
N ASP A 189 -31.47 11.17 -17.96
CA ASP A 189 -32.67 11.91 -17.51
C ASP A 189 -33.80 11.73 -18.53
N ASN A 190 -34.82 12.59 -18.48
CA ASN A 190 -36.01 12.45 -19.35
C ASN A 190 -35.78 13.08 -20.72
N THR A 191 -34.62 13.68 -20.96
CA THR A 191 -34.24 14.36 -22.21
C THR A 191 -33.34 13.46 -23.05
N VAL A 192 -32.23 13.00 -22.46
CA VAL A 192 -31.34 11.97 -23.05
C VAL A 192 -31.26 10.80 -22.07
N SER A 193 -31.86 9.67 -22.47
CA SER A 193 -31.90 8.43 -21.67
C SER A 193 -30.64 7.60 -21.94
N LEU A 194 -30.18 6.89 -20.93
CA LEU A 194 -28.97 6.02 -21.05
C LEU A 194 -29.42 4.60 -20.68
N PRO A 195 -30.11 3.89 -21.59
CA PRO A 195 -30.69 2.59 -21.26
C PRO A 195 -29.66 1.65 -20.67
N ASP A 196 -29.98 1.15 -19.48
CA ASP A 196 -29.06 0.42 -18.58
C ASP A 196 -29.07 -1.07 -18.93
N LEU A 197 -27.97 -1.58 -19.46
CA LEU A 197 -27.86 -3.03 -19.83
C LEU A 197 -27.99 -3.91 -18.58
N ASP A 198 -28.72 -5.01 -18.70
CA ASP A 198 -28.78 -5.97 -17.57
C ASP A 198 -27.51 -6.82 -17.64
N THR A 199 -26.47 -6.34 -16.97
CA THR A 199 -25.12 -6.94 -16.97
C THR A 199 -25.06 -8.17 -16.07
N THR A 200 -26.19 -8.58 -15.44
CA THR A 200 -26.28 -9.85 -14.68
C THR A 200 -26.71 -10.99 -15.62
N LYS A 201 -27.24 -10.69 -16.80
CA LYS A 201 -27.64 -11.72 -17.80
C LYS A 201 -26.41 -12.30 -18.51
N ASP A 202 -26.35 -13.63 -18.64
CA ASP A 202 -25.22 -14.33 -19.31
C ASP A 202 -25.12 -13.87 -20.75
N VAL A 203 -26.25 -13.65 -21.44
CA VAL A 203 -26.20 -13.22 -22.87
C VAL A 203 -25.51 -11.84 -22.96
N VAL A 204 -25.73 -10.92 -22.03
CA VAL A 204 -25.11 -9.56 -22.06
C VAL A 204 -23.62 -9.68 -21.76
N LYS A 205 -23.26 -10.46 -20.73
CA LYS A 205 -21.85 -10.78 -20.40
C LYS A 205 -21.18 -11.30 -21.66
N ASN A 206 -21.74 -12.34 -22.29
CA ASN A 206 -21.06 -13.02 -23.42
C ASN A 206 -20.92 -12.05 -24.58
N GLU A 207 -21.95 -11.27 -24.87
CA GLU A 207 -21.87 -10.27 -25.96
C GLU A 207 -20.74 -9.26 -25.67
N TRP A 208 -20.70 -8.70 -24.47
CA TRP A 208 -19.70 -7.65 -24.18
C TRP A 208 -18.30 -8.26 -24.26
N TYR A 209 -18.12 -9.45 -23.66
CA TYR A 209 -16.82 -10.16 -23.62
C TYR A 209 -16.34 -10.44 -25.04
N ASP A 210 -17.18 -10.93 -25.96
CA ASP A 210 -16.77 -11.20 -27.36
C ASP A 210 -16.39 -9.87 -28.04
N TRP A 211 -17.22 -8.84 -27.83
CA TRP A 211 -17.03 -7.52 -28.45
C TRP A 211 -15.67 -6.96 -28.03
N VAL A 212 -15.39 -6.96 -26.73
CA VAL A 212 -14.20 -6.21 -26.22
C VAL A 212 -12.92 -6.92 -26.69
N GLY A 213 -12.89 -8.25 -26.67
CA GLY A 213 -11.72 -8.99 -27.19
C GLY A 213 -11.50 -8.69 -28.65
N SER A 214 -12.57 -8.64 -29.44
CA SER A 214 -12.48 -8.42 -30.90
C SER A 214 -12.19 -6.95 -31.22
N LEU A 215 -12.67 -6.00 -30.40
CA LEU A 215 -12.23 -4.59 -30.57
C LEU A 215 -10.72 -4.45 -30.38
N VAL A 216 -10.18 -4.98 -29.29
CA VAL A 216 -8.75 -4.81 -28.92
C VAL A 216 -7.91 -5.44 -30.05
N SER A 217 -8.31 -6.64 -30.43
CA SER A 217 -7.66 -7.42 -31.50
C SER A 217 -7.77 -6.67 -32.85
N ASN A 218 -8.92 -6.19 -33.28
CA ASN A 218 -9.03 -5.54 -34.61
C ASN A 218 -8.17 -4.30 -34.69
N TYR A 219 -8.07 -3.50 -33.61
CA TYR A 219 -7.44 -2.16 -33.72
C TYR A 219 -6.08 -2.14 -33.01
N SER A 220 -5.57 -3.32 -32.60
CA SER A 220 -4.29 -3.48 -31.85
C SER A 220 -4.23 -2.49 -30.68
N ILE A 221 -5.23 -2.51 -29.81
CA ILE A 221 -5.35 -1.52 -28.71
C ILE A 221 -4.52 -2.05 -27.54
N ASP A 222 -3.80 -1.16 -26.84
CA ASP A 222 -2.81 -1.58 -25.80
C ASP A 222 -3.42 -1.60 -24.41
N GLY A 223 -4.50 -0.83 -24.19
CA GLY A 223 -5.19 -0.74 -22.90
C GLY A 223 -6.53 -0.07 -23.03
N LEU A 224 -7.38 -0.23 -22.02
CA LEU A 224 -8.74 0.33 -22.06
C LEU A 224 -8.93 1.24 -20.83
N ARG A 225 -9.61 2.37 -21.01
CA ARG A 225 -10.21 3.11 -19.89
C ARG A 225 -11.68 2.73 -19.91
N ILE A 226 -12.19 2.23 -18.80
CA ILE A 226 -13.62 1.83 -18.74
C ILE A 226 -14.38 2.91 -17.95
N ASP A 227 -15.31 3.58 -18.63
CA ASP A 227 -16.22 4.59 -18.06
C ASP A 227 -17.25 3.85 -17.22
N THR A 228 -17.72 4.47 -16.13
CA THR A 228 -19.03 4.11 -15.52
C THR A 228 -18.95 2.72 -14.86
N VAL A 229 -17.84 2.40 -14.18
CA VAL A 229 -17.59 1.05 -13.60
C VAL A 229 -18.52 0.78 -12.41
N LYS A 230 -18.79 1.77 -11.57
CA LYS A 230 -19.49 1.49 -10.28
C LYS A 230 -20.96 1.17 -10.53
N HIS A 231 -21.49 1.51 -11.72
CA HIS A 231 -22.90 1.30 -12.16
C HIS A 231 -23.13 -0.10 -12.72
N VAL A 232 -22.06 -0.89 -12.84
CA VAL A 232 -22.13 -2.33 -13.24
C VAL A 232 -21.67 -3.21 -12.04
N GLN A 233 -22.44 -4.25 -11.68
CA GLN A 233 -22.13 -5.14 -10.52
C GLN A 233 -20.72 -5.75 -10.69
N LYS A 234 -20.02 -5.91 -9.58
CA LYS A 234 -18.58 -6.29 -9.55
C LYS A 234 -18.31 -7.57 -10.34
N ASP A 235 -19.18 -8.58 -10.31
CA ASP A 235 -18.89 -9.93 -10.89
C ASP A 235 -18.83 -9.85 -12.42
N PHE A 236 -19.25 -8.74 -13.03
CA PHE A 236 -19.16 -8.54 -14.49
C PHE A 236 -17.69 -8.34 -14.87
N TRP A 237 -16.93 -7.64 -14.02
CA TRP A 237 -15.66 -6.98 -14.42
C TRP A 237 -14.50 -7.94 -14.64
N PRO A 238 -14.27 -8.97 -13.81
CA PRO A 238 -13.11 -9.85 -14.07
C PRO A 238 -13.17 -10.55 -15.44
N GLY A 239 -14.36 -11.02 -15.84
CA GLY A 239 -14.58 -11.58 -17.19
C GLY A 239 -14.32 -10.59 -18.30
N TYR A 240 -14.72 -9.31 -18.11
CA TYR A 240 -14.50 -8.23 -19.09
C TYR A 240 -13.00 -7.98 -19.23
N ASN A 241 -12.29 -7.83 -18.10
CA ASN A 241 -10.82 -7.49 -18.08
C ASN A 241 -10.08 -8.65 -18.75
N LYS A 242 -10.48 -9.88 -18.43
CA LYS A 242 -9.86 -11.10 -19.02
C LYS A 242 -10.11 -11.09 -20.52
N ALA A 243 -11.35 -10.85 -20.98
CA ALA A 243 -11.70 -10.83 -22.43
C ALA A 243 -10.88 -9.78 -23.16
N ALA A 244 -10.70 -8.57 -22.60
CA ALA A 244 -9.95 -7.48 -23.27
C ALA A 244 -8.50 -7.93 -23.53
N GLY A 245 -7.93 -8.73 -22.61
CA GLY A 245 -6.54 -9.25 -22.68
C GLY A 245 -5.48 -8.18 -22.57
N VAL A 246 -5.82 -7.02 -21.98
CA VAL A 246 -4.94 -5.83 -21.89
C VAL A 246 -5.26 -5.15 -20.56
N TYR A 247 -4.35 -4.31 -20.09
CA TYR A 247 -4.58 -3.43 -18.92
C TYR A 247 -5.88 -2.65 -19.09
N CYS A 248 -6.72 -2.71 -18.06
CA CYS A 248 -7.97 -1.96 -17.91
C CYS A 248 -7.91 -1.04 -16.68
N ILE A 249 -8.16 0.25 -16.87
CA ILE A 249 -8.28 1.25 -15.77
C ILE A 249 -9.73 1.75 -15.74
N GLY A 250 -10.40 1.53 -14.60
CA GLY A 250 -11.83 1.85 -14.37
C GLY A 250 -12.04 3.26 -13.85
N GLU A 251 -13.06 3.95 -14.33
CA GLU A 251 -13.71 5.12 -13.66
C GLU A 251 -14.67 4.62 -12.57
N VAL A 252 -14.23 4.74 -11.34
CA VAL A 252 -15.04 4.49 -10.11
C VAL A 252 -15.15 5.84 -9.42
N LEU A 253 -16.28 6.52 -9.61
CA LEU A 253 -16.35 7.93 -9.20
C LEU A 253 -16.76 8.00 -7.73
N ASP A 254 -15.75 7.91 -6.88
CA ASP A 254 -15.89 8.08 -5.41
C ASP A 254 -14.52 8.49 -4.87
N GLY A 255 -14.51 9.53 -4.06
CA GLY A 255 -13.33 10.02 -3.35
C GLY A 255 -12.97 9.18 -2.16
N ASP A 256 -13.81 8.22 -1.75
CA ASP A 256 -13.47 7.37 -0.58
C ASP A 256 -12.71 6.14 -1.03
N PRO A 257 -11.44 5.94 -0.59
CA PRO A 257 -10.67 4.77 -1.01
C PRO A 257 -11.31 3.45 -0.52
N ALA A 258 -12.09 3.48 0.55
CA ALA A 258 -12.81 2.28 1.07
C ALA A 258 -13.91 1.84 0.08
N TYR A 259 -14.44 2.75 -0.72
CA TYR A 259 -15.43 2.43 -1.79
C TYR A 259 -14.72 2.11 -3.10
N THR A 260 -13.73 2.91 -3.47
CA THR A 260 -13.11 2.89 -4.79
C THR A 260 -12.05 1.79 -4.89
N CYS A 261 -11.14 1.65 -3.91
CA CYS A 261 -9.96 0.77 -4.04
C CYS A 261 -10.36 -0.69 -4.14
N PRO A 262 -11.44 -1.18 -3.51
CA PRO A 262 -11.87 -2.56 -3.72
C PRO A 262 -12.17 -2.96 -5.17
N TYR A 263 -12.48 -2.00 -6.04
CA TYR A 263 -12.70 -2.29 -7.49
C TYR A 263 -11.42 -2.80 -8.11
N GLN A 264 -10.28 -2.57 -7.47
CA GLN A 264 -9.00 -3.15 -7.99
C GLN A 264 -8.96 -4.67 -7.75
N ASN A 265 -9.89 -5.23 -6.96
CA ASN A 265 -10.00 -6.70 -6.83
C ASN A 265 -10.63 -7.27 -8.09
N VAL A 266 -11.33 -6.48 -8.94
CA VAL A 266 -12.04 -7.01 -10.13
C VAL A 266 -11.52 -6.41 -11.43
N MET A 267 -10.61 -5.44 -11.35
CA MET A 267 -10.10 -4.73 -12.54
C MET A 267 -8.63 -4.37 -12.25
N ASP A 268 -7.79 -4.26 -13.27
CA ASP A 268 -6.34 -4.02 -13.05
C ASP A 268 -6.11 -2.70 -12.29
N GLY A 269 -6.73 -1.62 -12.76
CA GLY A 269 -6.54 -0.26 -12.27
C GLY A 269 -7.86 0.47 -12.09
N VAL A 270 -7.83 1.52 -11.28
CA VAL A 270 -8.89 2.56 -11.26
C VAL A 270 -8.23 3.94 -11.31
N LEU A 271 -8.98 4.88 -11.86
CA LEU A 271 -8.58 6.30 -11.82
C LEU A 271 -8.56 6.75 -10.35
N ASN A 272 -7.54 7.52 -9.99
CA ASN A 272 -7.27 7.88 -8.58
C ASN A 272 -8.14 9.08 -8.17
N TYR A 273 -9.47 8.86 -8.12
CA TYR A 273 -10.46 9.82 -7.57
C TYR A 273 -10.18 10.06 -6.08
N PRO A 274 -9.72 9.07 -5.26
CA PRO A 274 -9.32 9.40 -3.90
C PRO A 274 -8.27 10.50 -3.77
N ILE A 275 -7.19 10.44 -4.56
CA ILE A 275 -6.14 11.49 -4.57
C ILE A 275 -6.65 12.80 -5.20
N TYR A 276 -7.49 12.71 -6.24
CA TYR A 276 -8.01 13.89 -6.97
C TYR A 276 -8.49 15.00 -6.01
N TYR A 277 -9.43 14.73 -5.10
CA TYR A 277 -10.07 15.80 -4.32
C TYR A 277 -9.04 16.52 -3.45
N PRO A 278 -8.21 15.83 -2.63
CA PRO A 278 -7.21 16.55 -1.83
C PRO A 278 -6.08 17.14 -2.68
N LEU A 279 -5.77 16.53 -3.83
CA LEU A 279 -4.69 17.08 -4.68
C LEU A 279 -5.15 18.43 -5.24
N LEU A 280 -6.41 18.47 -5.74
CA LEU A 280 -7.01 19.72 -6.28
C LEU A 280 -7.02 20.77 -5.14
N ASN A 281 -7.53 20.40 -3.97
CA ASN A 281 -7.60 21.32 -2.82
C ASN A 281 -6.22 21.85 -2.41
N ALA A 282 -5.17 21.03 -2.52
CA ALA A 282 -3.85 21.36 -1.97
C ALA A 282 -3.26 22.47 -2.83
N PHE A 283 -3.48 22.43 -4.14
CA PHE A 283 -2.76 23.32 -5.07
C PHE A 283 -3.67 24.42 -5.66
N LYS A 284 -4.99 24.32 -5.53
CA LYS A 284 -5.89 25.30 -6.20
C LYS A 284 -5.87 26.65 -5.46
N SER A 285 -5.34 26.69 -4.25
CA SER A 285 -5.21 27.98 -3.52
C SER A 285 -4.00 27.97 -2.56
N THR A 286 -3.51 29.17 -2.22
CA THR A 286 -2.37 29.38 -1.28
C THR A 286 -2.80 28.95 0.13
N SER A 287 -4.09 28.82 0.38
CA SER A 287 -4.70 28.23 1.61
C SER A 287 -4.82 26.68 1.60
N GLY A 288 -4.36 25.96 0.57
CA GLY A 288 -4.73 24.54 0.44
C GLY A 288 -4.11 23.65 1.49
N SER A 289 -4.77 22.56 1.87
CA SER A 289 -4.30 21.59 2.89
C SER A 289 -3.26 20.62 2.31
N MET A 290 -1.98 20.80 2.62
CA MET A 290 -0.97 19.75 2.33
C MET A 290 -1.25 18.51 3.21
N ASP A 291 -1.81 18.70 4.40
CA ASP A 291 -2.13 17.59 5.34
C ASP A 291 -3.07 16.61 4.64
N ASP A 292 -4.16 17.07 4.02
CA ASP A 292 -5.17 16.15 3.44
C ASP A 292 -4.54 15.36 2.32
N LEU A 293 -3.62 15.96 1.55
CA LEU A 293 -2.97 15.25 0.42
C LEU A 293 -1.96 14.22 0.96
N TYR A 294 -1.08 14.64 1.86
CA TYR A 294 -0.08 13.78 2.54
C TYR A 294 -0.81 12.56 3.11
N ASN A 295 -1.92 12.80 3.80
CA ASN A 295 -2.69 11.72 4.48
C ASN A 295 -3.30 10.77 3.44
N MET A 296 -3.83 11.29 2.33
CA MET A 296 -4.49 10.42 1.33
C MET A 296 -3.42 9.62 0.60
N ILE A 297 -2.26 10.20 0.30
CA ILE A 297 -1.19 9.39 -0.33
C ILE A 297 -0.93 8.13 0.52
N ASN A 298 -0.82 8.31 1.83
CA ASN A 298 -0.50 7.19 2.76
C ASN A 298 -1.69 6.22 2.88
N THR A 299 -2.94 6.72 2.94
CA THR A 299 -4.15 5.83 2.93
C THR A 299 -4.15 5.00 1.64
N VAL A 300 -3.95 5.64 0.47
CA VAL A 300 -4.03 4.91 -0.83
C VAL A 300 -2.89 3.88 -0.91
N LYS A 301 -1.70 4.26 -0.48
CA LYS A 301 -0.50 3.39 -0.48
C LYS A 301 -0.78 2.08 0.29
N SER A 302 -1.50 2.13 1.40
CA SER A 302 -1.66 0.92 2.26
C SER A 302 -3.01 0.22 2.02
N ASP A 303 -4.06 0.94 1.64
CA ASP A 303 -5.46 0.40 1.64
C ASP A 303 -5.94 0.10 0.22
N CYS A 304 -5.20 0.48 -0.82
CA CYS A 304 -5.52 0.16 -2.22
C CYS A 304 -4.67 -1.04 -2.62
N PRO A 305 -5.23 -2.03 -3.34
CA PRO A 305 -4.49 -3.23 -3.69
C PRO A 305 -3.14 -2.91 -4.36
N ASP A 306 -3.10 -1.96 -5.26
CA ASP A 306 -1.79 -1.58 -5.86
C ASP A 306 -1.86 -0.14 -6.35
N SER A 307 -1.39 0.80 -5.53
CA SER A 307 -1.27 2.25 -5.86
C SER A 307 -0.49 2.47 -7.16
N THR A 308 0.37 1.53 -7.58
CA THR A 308 1.25 1.73 -8.77
C THR A 308 0.49 1.39 -10.05
N LEU A 309 -0.74 0.87 -9.97
CA LEU A 309 -1.60 0.65 -11.17
C LEU A 309 -2.83 1.58 -11.16
N LEU A 310 -2.85 2.62 -10.33
CA LEU A 310 -3.89 3.69 -10.41
C LEU A 310 -3.43 4.76 -11.40
N GLY A 311 -4.38 5.59 -11.84
CA GLY A 311 -4.15 6.74 -12.74
C GLY A 311 -4.29 8.06 -11.99
N THR A 312 -3.22 8.83 -11.96
CA THR A 312 -3.18 10.10 -11.21
C THR A 312 -3.62 11.21 -12.17
N PHE A 313 -4.52 12.08 -11.72
CA PHE A 313 -4.97 13.23 -12.51
C PHE A 313 -5.45 14.35 -11.59
N VAL A 314 -5.47 15.57 -12.13
CA VAL A 314 -6.22 16.68 -11.49
C VAL A 314 -7.22 17.33 -12.45
N GLU A 315 -7.27 16.91 -13.72
CA GLU A 315 -8.05 17.62 -14.75
C GLU A 315 -8.64 16.59 -15.72
N ASN A 316 -9.94 16.70 -15.99
CA ASN A 316 -10.62 15.89 -17.01
C ASN A 316 -11.87 16.65 -17.50
N HIS A 317 -12.69 15.97 -18.30
CA HIS A 317 -13.84 16.53 -19.04
C HIS A 317 -15.09 16.42 -18.18
N ASP A 318 -14.94 15.93 -16.96
CA ASP A 318 -16.04 15.68 -16.01
C ASP A 318 -15.95 16.57 -14.77
N ASN A 319 -14.98 17.49 -14.70
CA ASN A 319 -14.83 18.40 -13.54
C ASN A 319 -14.33 19.73 -14.06
N PRO A 320 -14.47 20.82 -13.29
CA PRO A 320 -13.87 22.09 -13.72
C PRO A 320 -12.37 21.91 -13.92
N ARG A 321 -11.79 22.55 -14.92
CA ARG A 321 -10.33 22.48 -15.09
C ARG A 321 -9.61 23.16 -13.92
N PHE A 322 -8.36 22.78 -13.70
CA PHE A 322 -7.56 23.32 -12.59
C PHE A 322 -7.51 24.87 -12.73
N ALA A 323 -7.24 25.41 -13.93
CA ALA A 323 -7.14 26.90 -14.11
C ALA A 323 -8.49 27.62 -13.94
N SER A 324 -9.63 26.90 -13.92
CA SER A 324 -10.95 27.47 -13.56
C SER A 324 -10.99 27.87 -12.08
N TYR A 325 -10.15 27.26 -11.24
CA TYR A 325 -10.07 27.53 -9.79
C TYR A 325 -9.03 28.62 -9.56
N THR A 326 -7.91 28.58 -10.29
CA THR A 326 -6.86 29.60 -10.11
C THR A 326 -6.07 29.69 -11.39
N ASN A 327 -5.76 30.92 -11.81
CA ASN A 327 -4.91 31.15 -12.99
C ASN A 327 -3.45 31.27 -12.59
N ASP A 328 -3.12 30.95 -11.33
CA ASP A 328 -1.71 31.05 -10.88
C ASP A 328 -0.90 29.94 -11.57
N ILE A 329 0.09 30.32 -12.36
CA ILE A 329 0.86 29.38 -13.21
C ILE A 329 1.79 28.51 -12.36
N ALA A 330 2.31 29.00 -11.25
CA ALA A 330 3.14 28.25 -10.28
C ALA A 330 2.33 27.14 -9.65
N LEU A 331 1.11 27.44 -9.24
CA LEU A 331 0.21 26.39 -8.71
C LEU A 331 -0.04 25.30 -9.78
N ALA A 332 -0.27 25.70 -11.04
CA ALA A 332 -0.50 24.74 -12.15
C ALA A 332 0.76 23.91 -12.40
N LYS A 333 1.95 24.51 -12.36
CA LYS A 333 3.22 23.77 -12.51
C LYS A 333 3.34 22.70 -11.41
N ASN A 334 3.03 23.07 -10.17
CA ASN A 334 3.18 22.17 -8.99
C ASN A 334 2.25 20.97 -9.16
N VAL A 335 0.98 21.23 -9.50
CA VAL A 335 -0.03 20.13 -9.56
C VAL A 335 0.34 19.22 -10.74
N ALA A 336 0.88 19.75 -11.86
CA ALA A 336 1.32 18.91 -12.99
C ALA A 336 2.51 18.01 -12.59
N ALA A 337 3.51 18.56 -11.91
CA ALA A 337 4.70 17.84 -11.39
C ALA A 337 4.25 16.68 -10.50
N PHE A 338 3.25 16.93 -9.65
CA PHE A 338 2.73 15.88 -8.75
C PHE A 338 2.18 14.73 -9.58
N ILE A 339 1.29 15.04 -10.53
CA ILE A 339 0.59 14.02 -11.36
C ILE A 339 1.65 13.13 -12.03
N ILE A 340 2.72 13.71 -12.53
CA ILE A 340 3.76 12.94 -13.25
C ILE A 340 4.64 12.13 -12.27
N LEU A 341 4.88 12.61 -11.04
CA LEU A 341 5.87 11.95 -10.13
C LEU A 341 5.19 11.07 -9.06
N ASN A 342 3.85 11.05 -8.98
CA ASN A 342 3.09 10.22 -7.99
C ASN A 342 3.21 8.75 -8.39
N ASP A 343 2.96 7.83 -7.46
CA ASP A 343 2.76 6.41 -7.84
C ASP A 343 1.75 6.33 -8.98
N GLY A 344 1.91 5.33 -9.85
CA GLY A 344 0.91 5.00 -10.87
C GLY A 344 1.14 5.76 -12.15
N ILE A 345 0.09 5.86 -12.95
CA ILE A 345 0.21 6.34 -14.34
C ILE A 345 -0.25 7.79 -14.40
N PRO A 346 0.64 8.73 -14.81
CA PRO A 346 0.26 10.13 -14.97
C PRO A 346 -0.79 10.22 -16.10
N ILE A 347 -1.82 11.06 -15.90
CA ILE A 347 -2.84 11.34 -16.94
C ILE A 347 -3.09 12.84 -16.97
N ILE A 348 -2.68 13.47 -18.06
CA ILE A 348 -2.87 14.93 -18.32
C ILE A 348 -3.96 15.06 -19.39
N TYR A 349 -4.93 15.95 -19.20
CA TYR A 349 -6.09 16.12 -20.13
C TYR A 349 -5.76 17.24 -21.13
N ALA A 350 -5.78 16.92 -22.44
CA ALA A 350 -5.61 17.88 -23.57
C ALA A 350 -6.21 19.26 -23.21
N GLY A 351 -5.37 20.29 -23.21
CA GLY A 351 -5.65 21.67 -22.80
C GLY A 351 -5.01 22.06 -21.49
N GLN A 352 -4.79 21.10 -20.59
CA GLN A 352 -4.14 21.36 -19.29
C GLN A 352 -2.78 22.03 -19.57
N GLU A 353 -2.08 21.54 -20.59
CA GLU A 353 -0.71 22.03 -20.92
C GLU A 353 -0.78 23.44 -21.52
N GLN A 354 -1.97 23.89 -21.94
CA GLN A 354 -2.11 25.28 -22.47
C GLN A 354 -2.94 26.07 -21.46
N HIS A 355 -3.06 25.57 -20.22
CA HIS A 355 -3.62 26.36 -19.09
C HIS A 355 -5.09 26.68 -19.32
N TYR A 356 -5.79 25.79 -20.01
CA TYR A 356 -7.23 25.96 -20.30
C TYR A 356 -8.00 26.07 -18.97
N ALA A 357 -9.05 26.91 -18.93
CA ALA A 357 -9.69 27.28 -17.65
C ALA A 357 -11.21 27.07 -17.71
N GLY A 358 -11.69 26.21 -18.59
CA GLY A 358 -13.15 25.95 -18.64
C GLY A 358 -13.68 25.32 -17.38
N GLY A 359 -14.95 25.60 -17.07
CA GLY A 359 -15.67 25.05 -15.91
C GLY A 359 -16.29 23.71 -16.20
N ASN A 360 -17.39 23.38 -15.54
CA ASN A 360 -18.05 22.08 -15.77
C ASN A 360 -18.56 21.98 -17.23
N ASP A 361 -18.67 20.72 -17.63
CA ASP A 361 -19.28 20.25 -18.89
C ASP A 361 -20.44 21.17 -19.27
N PRO A 362 -20.48 21.80 -20.47
CA PRO A 362 -19.54 21.53 -21.57
C PRO A 362 -18.28 22.41 -21.70
N ALA A 363 -18.06 23.31 -20.73
CA ALA A 363 -17.01 24.36 -20.84
C ALA A 363 -15.61 23.72 -20.80
N ASN A 364 -15.50 22.50 -20.25
CA ASN A 364 -14.19 21.80 -20.09
C ASN A 364 -13.90 20.90 -21.31
N ARG A 365 -14.64 21.04 -22.42
CA ARG A 365 -14.37 20.27 -23.65
C ARG A 365 -13.85 21.19 -24.75
N GLU A 366 -13.03 22.16 -24.38
CA GLU A 366 -12.48 23.11 -25.37
C GLU A 366 -11.62 22.36 -26.39
N ALA A 367 -11.57 22.90 -27.62
CA ALA A 367 -10.80 22.35 -28.73
C ALA A 367 -9.34 22.68 -28.48
N THR A 368 -8.47 21.67 -28.56
CA THR A 368 -7.03 21.84 -28.33
C THR A 368 -6.43 22.71 -29.46
N TRP A 369 -6.94 22.58 -30.68
CA TRP A 369 -6.38 23.30 -31.85
C TRP A 369 -6.46 24.82 -31.66
N LEU A 370 -7.46 25.33 -30.95
CA LEU A 370 -7.62 26.80 -30.80
C LEU A 370 -6.44 27.42 -30.05
N SER A 371 -5.58 26.64 -29.36
CA SER A 371 -4.35 27.12 -28.70
C SER A 371 -3.31 27.48 -29.75
N GLY A 372 -3.40 26.85 -30.92
CA GLY A 372 -2.32 26.83 -31.91
C GLY A 372 -1.21 25.86 -31.56
N TYR A 373 -1.37 25.01 -30.54
CA TYR A 373 -0.41 23.92 -30.18
C TYR A 373 1.01 24.46 -29.96
N PRO A 374 1.21 25.54 -29.17
CA PRO A 374 2.56 26.05 -28.89
C PRO A 374 3.31 25.07 -27.98
N THR A 375 4.53 24.73 -28.40
CA THR A 375 5.45 23.80 -27.70
C THR A 375 6.36 24.61 -26.77
N ASP A 376 6.10 25.90 -26.64
CA ASP A 376 6.93 26.85 -25.85
C ASP A 376 6.08 27.43 -24.71
N SER A 377 4.86 26.96 -24.47
CA SER A 377 4.02 27.46 -23.35
C SER A 377 4.65 26.98 -22.04
N GLU A 378 4.33 27.66 -20.94
CA GLU A 378 4.97 27.38 -19.63
C GLU A 378 4.65 25.94 -19.20
N LEU A 379 3.41 25.50 -19.33
CA LEU A 379 3.05 24.14 -18.88
C LEU A 379 3.48 23.06 -19.89
N TYR A 380 3.61 23.36 -21.18
CA TYR A 380 4.17 22.38 -22.15
C TYR A 380 5.59 22.07 -21.67
N LYS A 381 6.31 23.12 -21.30
CA LYS A 381 7.75 23.00 -20.93
C LYS A 381 7.87 22.25 -19.59
N LEU A 382 7.07 22.61 -18.61
CA LEU A 382 7.08 21.97 -17.28
C LEU A 382 6.81 20.47 -17.49
N ILE A 383 5.75 20.12 -18.18
CA ILE A 383 5.33 18.69 -18.36
C ILE A 383 6.45 17.94 -19.10
N ALA A 384 7.02 18.56 -20.11
CA ALA A 384 8.17 18.00 -20.83
C ALA A 384 9.31 17.68 -19.84
N SER A 385 9.65 18.61 -18.95
CA SER A 385 10.77 18.43 -18.00
C SER A 385 10.46 17.29 -17.03
N ALA A 386 9.23 17.27 -16.49
CA ALA A 386 8.81 16.29 -15.48
C ALA A 386 8.77 14.90 -16.12
N ASN A 387 8.11 14.75 -17.29
CA ASN A 387 8.09 13.46 -18.00
C ASN A 387 9.52 13.08 -18.38
N ALA A 388 10.38 14.04 -18.72
CA ALA A 388 11.77 13.69 -19.13
C ALA A 388 12.50 12.98 -17.98
N ILE A 389 12.42 13.49 -16.74
CA ILE A 389 13.19 12.90 -15.61
C ILE A 389 12.52 11.59 -15.22
N ARG A 390 11.20 11.50 -15.26
CA ARG A 390 10.50 10.21 -14.99
C ARG A 390 10.93 9.14 -16.02
N ASN A 391 10.84 9.47 -17.31
CA ASN A 391 11.15 8.53 -18.43
C ASN A 391 12.63 8.12 -18.29
N TYR A 392 13.50 9.07 -17.95
CA TYR A 392 14.95 8.81 -17.82
C TYR A 392 15.22 7.89 -16.61
N ALA A 393 14.66 8.25 -15.48
CA ALA A 393 14.82 7.54 -14.20
C ALA A 393 14.33 6.10 -14.38
N ILE A 394 13.20 5.93 -15.06
CA ILE A 394 12.62 4.58 -15.32
C ILE A 394 13.59 3.80 -16.22
N SER A 395 14.18 4.41 -17.24
CA SER A 395 15.11 3.74 -18.17
C SER A 395 16.35 3.25 -17.39
N LYS A 396 16.68 3.81 -16.22
CA LYS A 396 17.89 3.43 -15.44
C LYS A 396 17.56 2.72 -14.13
N ASP A 397 16.28 2.51 -13.81
CA ASP A 397 15.85 2.02 -12.47
C ASP A 397 14.55 1.24 -12.68
N THR A 398 14.65 -0.08 -12.87
CA THR A 398 13.46 -0.95 -13.11
C THR A 398 12.64 -1.02 -11.81
N GLY A 399 13.18 -0.56 -10.68
CA GLY A 399 12.43 -0.46 -9.40
C GLY A 399 11.65 0.83 -9.20
N PHE A 400 11.86 1.86 -10.02
CA PHE A 400 11.17 3.17 -9.83
C PHE A 400 9.65 2.97 -9.72
N VAL A 401 9.05 2.22 -10.64
CA VAL A 401 7.57 2.10 -10.74
C VAL A 401 7.01 1.23 -9.60
N THR A 402 7.81 0.40 -8.92
CA THR A 402 7.27 -0.46 -7.82
C THR A 402 7.68 0.07 -6.45
N TYR A 403 8.49 1.13 -6.39
CA TYR A 403 8.84 1.83 -5.13
C TYR A 403 7.65 2.74 -4.81
N LYS A 404 6.94 2.46 -3.72
CA LYS A 404 5.74 3.24 -3.37
C LYS A 404 6.16 4.65 -2.92
N ASN A 405 5.65 5.67 -3.60
CA ASN A 405 5.87 7.11 -3.30
C ASN A 405 5.83 7.36 -1.79
N TRP A 406 6.83 8.07 -1.28
CA TRP A 406 6.97 8.28 0.19
C TRP A 406 6.95 9.78 0.51
N PRO A 407 5.84 10.31 1.05
CA PRO A 407 5.80 11.69 1.53
C PRO A 407 6.75 11.81 2.73
N ILE A 408 7.79 12.64 2.62
CA ILE A 408 8.82 12.73 3.68
C ILE A 408 8.72 14.04 4.47
N TYR A 409 7.91 15.01 4.05
CA TYR A 409 7.84 16.37 4.66
C TYR A 409 6.52 17.04 4.28
N LYS A 410 5.93 17.76 5.24
CA LYS A 410 4.85 18.73 4.93
C LYS A 410 4.93 19.90 5.92
N ASP A 411 4.45 21.06 5.47
CA ASP A 411 4.18 22.25 6.32
C ASP A 411 2.96 22.93 5.73
N ASP A 412 2.66 24.15 6.16
CA ASP A 412 1.43 24.86 5.72
C ASP A 412 1.43 25.00 4.18
N THR A 413 2.59 25.11 3.52
CA THR A 413 2.66 25.50 2.10
C THR A 413 3.48 24.51 1.26
N THR A 414 3.88 23.37 1.83
CA THR A 414 4.91 22.49 1.24
C THR A 414 4.55 21.01 1.44
N ILE A 415 4.87 20.20 0.43
CA ILE A 415 4.92 18.72 0.58
C ILE A 415 6.14 18.22 -0.20
N ALA A 416 6.91 17.33 0.40
CA ALA A 416 8.04 16.69 -0.30
C ALA A 416 7.83 15.19 -0.29
N MET A 417 8.28 14.53 -1.34
CA MET A 417 8.06 13.09 -1.50
C MET A 417 9.25 12.50 -2.21
N ARG A 418 9.47 11.20 -1.97
N ARG A 418 9.47 11.20 -1.98
CA ARG A 418 10.64 10.46 -2.49
CA ARG A 418 10.66 10.45 -2.46
C ARG A 418 10.13 9.21 -3.18
C ARG A 418 10.16 9.19 -3.17
N LYS A 419 10.71 8.90 -4.35
CA LYS A 419 10.37 7.71 -5.12
C LYS A 419 11.56 7.26 -5.95
N GLY A 420 11.84 5.96 -5.87
CA GLY A 420 12.93 5.34 -6.63
C GLY A 420 13.90 4.61 -5.73
N THR A 421 14.66 3.70 -6.35
CA THR A 421 15.70 2.83 -5.73
C THR A 421 16.76 3.73 -5.08
N ASP A 422 17.15 3.39 -3.85
CA ASP A 422 18.20 4.05 -3.04
C ASP A 422 19.39 4.40 -3.95
N GLY A 423 19.79 5.66 -3.95
CA GLY A 423 20.90 6.15 -4.80
C GLY A 423 20.42 6.71 -6.14
N SER A 424 19.18 6.43 -6.54
CA SER A 424 18.58 6.90 -7.82
C SER A 424 17.22 7.58 -7.58
N GLN A 425 16.90 7.90 -6.33
CA GLN A 425 15.55 8.37 -5.98
C GLN A 425 15.35 9.79 -6.56
N ILE A 426 14.15 10.01 -7.08
CA ILE A 426 13.68 11.38 -7.39
C ILE A 426 13.10 11.93 -6.09
N VAL A 427 13.57 13.10 -5.69
CA VAL A 427 13.01 13.80 -4.50
C VAL A 427 12.34 15.09 -4.96
N THR A 428 11.04 15.17 -4.72
CA THR A 428 10.19 16.27 -5.27
C THR A 428 9.67 17.16 -4.13
N ILE A 429 9.90 18.46 -4.25
CA ILE A 429 9.40 19.46 -3.25
C ILE A 429 8.43 20.38 -4.00
N LEU A 430 7.18 20.36 -3.58
CA LEU A 430 6.05 21.09 -4.15
C LEU A 430 5.54 22.11 -3.13
N SER A 431 5.01 23.21 -3.65
CA SER A 431 4.59 24.39 -2.88
C SER A 431 3.22 24.88 -3.39
N ASN A 432 2.40 25.43 -2.49
CA ASN A 432 1.20 26.18 -2.86
C ASN A 432 1.37 27.67 -2.50
N LYS A 433 2.60 28.18 -2.39
CA LYS A 433 2.85 29.64 -2.17
C LYS A 433 2.44 30.45 -3.41
N GLY A 434 2.43 29.87 -4.61
CA GLY A 434 1.96 30.59 -5.80
C GLY A 434 3.08 31.46 -6.32
N ALA A 435 2.83 32.22 -7.37
CA ALA A 435 3.87 32.91 -8.16
C ALA A 435 4.48 34.10 -7.40
N SER A 436 3.82 34.58 -6.34
N SER A 436 3.82 34.60 -6.34
CA SER A 436 4.34 35.69 -5.48
CA SER A 436 4.36 35.69 -5.48
C SER A 436 5.21 35.13 -4.35
C SER A 436 4.98 35.11 -4.19
N GLY A 437 5.29 33.81 -4.18
CA GLY A 437 6.05 33.17 -3.10
C GLY A 437 7.41 33.80 -2.87
N ASP A 438 7.79 33.93 -1.59
CA ASP A 438 9.11 34.50 -1.18
C ASP A 438 10.25 33.52 -1.44
N SER A 439 11.48 34.03 -1.45
CA SER A 439 12.72 33.24 -1.68
C SER A 439 13.29 32.84 -0.34
N TYR A 440 13.50 31.54 -0.11
CA TYR A 440 14.04 30.98 1.15
C TYR A 440 14.71 29.63 0.90
N THR A 441 15.40 29.11 1.92
CA THR A 441 16.06 27.77 1.88
C THR A 441 15.26 26.86 2.80
N LEU A 442 14.75 25.75 2.25
CA LEU A 442 14.06 24.69 3.06
C LEU A 442 15.12 23.64 3.33
N SER A 443 15.50 23.47 4.59
CA SER A 443 16.43 22.39 5.02
C SER A 443 15.64 21.09 5.10
N LEU A 444 15.81 20.24 4.10
CA LEU A 444 14.96 19.02 3.96
C LEU A 444 15.71 17.80 4.51
N SER A 445 15.13 17.15 5.54
CA SER A 445 15.65 15.86 6.07
C SER A 445 14.88 14.72 5.42
N GLY A 446 15.49 13.55 5.29
CA GLY A 446 14.77 12.31 4.95
C GLY A 446 14.82 11.98 3.46
N ALA A 447 15.63 12.71 2.71
CA ALA A 447 15.74 12.55 1.24
C ALA A 447 16.58 11.31 0.91
N GLY A 448 17.45 10.88 1.84
CA GLY A 448 18.22 9.62 1.71
C GLY A 448 19.43 9.73 0.82
N TYR A 449 19.90 10.92 0.48
CA TYR A 449 21.17 11.10 -0.25
C TYR A 449 22.28 11.36 0.79
N THR A 450 23.53 11.05 0.44
CA THR A 450 24.69 11.16 1.35
C THR A 450 25.34 12.54 1.20
N ALA A 451 25.94 13.04 2.28
CA ALA A 451 26.59 14.37 2.41
C ALA A 451 27.57 14.60 1.27
N GLY A 452 27.58 15.79 0.69
CA GLY A 452 28.42 16.14 -0.48
C GLY A 452 27.85 15.70 -1.82
N GLN A 453 26.77 14.89 -1.84
CA GLN A 453 26.15 14.44 -3.12
C GLN A 453 25.65 15.67 -3.89
N GLN A 454 26.02 15.83 -5.17
CA GLN A 454 25.39 16.84 -6.05
C GLN A 454 24.05 16.30 -6.57
N LEU A 455 23.00 17.10 -6.43
CA LEU A 455 21.68 16.86 -7.02
C LEU A 455 21.45 17.95 -8.07
N THR A 456 20.82 17.58 -9.18
CA THR A 456 20.26 18.52 -10.17
C THR A 456 18.77 18.71 -9.83
N GLU A 457 18.33 19.96 -9.67
CA GLU A 457 16.90 20.37 -9.70
C GLU A 457 16.52 20.46 -11.19
N VAL A 458 15.87 19.43 -11.72
CA VAL A 458 15.80 19.23 -13.19
C VAL A 458 14.71 20.11 -13.83
N ILE A 459 13.91 20.86 -13.06
CA ILE A 459 12.91 21.78 -13.65
C ILE A 459 13.67 23.06 -14.02
N GLY A 460 14.42 23.64 -13.09
CA GLY A 460 15.17 24.91 -13.28
C GLY A 460 16.62 24.70 -13.67
N CYS A 461 17.13 23.46 -13.56
CA CYS A 461 18.50 23.05 -13.99
C CYS A 461 19.59 23.69 -13.13
N THR A 462 19.28 23.85 -11.87
CA THR A 462 20.21 24.31 -10.82
C THR A 462 20.80 23.05 -10.13
N THR A 463 21.96 23.16 -9.49
CA THR A 463 22.54 22.07 -8.69
C THR A 463 22.40 22.43 -7.22
N VAL A 464 22.08 21.46 -6.36
CA VAL A 464 22.09 21.65 -4.89
C VAL A 464 22.95 20.53 -4.29
N THR A 465 23.68 20.84 -3.23
CA THR A 465 24.62 19.88 -2.59
C THR A 465 24.07 19.50 -1.23
N VAL A 466 24.06 18.21 -0.95
CA VAL A 466 23.59 17.67 0.35
C VAL A 466 24.60 18.14 1.42
N GLY A 467 24.12 18.58 2.58
CA GLY A 467 24.96 19.12 3.69
C GLY A 467 25.63 18.03 4.51
N SER A 468 26.55 18.40 5.40
CA SER A 468 27.30 17.51 6.35
C SER A 468 26.33 16.58 7.09
N ASP A 469 25.21 17.13 7.56
CA ASP A 469 24.19 16.41 8.35
C ASP A 469 23.28 15.54 7.46
N GLY A 470 23.45 15.52 6.14
CA GLY A 470 22.58 14.78 5.20
C GLY A 470 21.27 15.50 4.84
N ASN A 471 21.07 16.73 5.33
CA ASN A 471 19.91 17.59 4.95
C ASN A 471 20.19 18.26 3.60
N VAL A 472 19.15 18.41 2.78
CA VAL A 472 19.25 19.08 1.45
C VAL A 472 18.80 20.53 1.65
N PRO A 473 19.67 21.51 1.32
CA PRO A 473 19.30 22.92 1.35
C PRO A 473 18.54 23.25 0.06
N VAL A 474 17.23 23.09 0.07
CA VAL A 474 16.39 23.24 -1.15
C VAL A 474 16.12 24.72 -1.35
N PRO A 475 16.57 25.34 -2.47
CA PRO A 475 16.25 26.73 -2.78
C PRO A 475 14.77 26.79 -3.21
N MET A 476 14.00 27.56 -2.47
CA MET A 476 12.57 27.83 -2.78
C MET A 476 12.45 29.28 -3.27
N ALA A 477 11.72 29.48 -4.37
CA ALA A 477 11.46 30.82 -4.94
C ALA A 477 10.32 30.69 -5.94
N GLY A 478 9.59 31.79 -6.14
CA GLY A 478 8.56 31.89 -7.19
C GLY A 478 7.45 30.84 -7.06
N GLY A 479 7.30 30.21 -5.89
CA GLY A 479 6.32 29.13 -5.64
C GLY A 479 6.61 27.93 -6.54
N LEU A 480 7.85 27.80 -7.02
CA LEU A 480 8.21 26.85 -8.10
C LEU A 480 8.30 25.43 -7.57
N PRO A 481 7.94 24.39 -8.35
CA PRO A 481 8.23 23.00 -7.97
C PRO A 481 9.71 22.70 -8.21
N ARG A 482 10.26 21.89 -7.32
CA ARG A 482 11.69 21.46 -7.31
C ARG A 482 11.72 19.93 -7.45
N VAL A 483 12.48 19.42 -8.39
CA VAL A 483 12.54 17.96 -8.66
C VAL A 483 14.02 17.57 -8.65
N LEU A 484 14.45 16.85 -7.62
CA LEU A 484 15.88 16.53 -7.41
C LEU A 484 16.21 15.11 -7.86
N TYR A 485 17.38 14.96 -8.49
CA TYR A 485 17.92 13.67 -8.97
C TYR A 485 19.45 13.77 -8.96
N PRO A 486 20.15 12.68 -8.63
CA PRO A 486 21.62 12.73 -8.57
C PRO A 486 22.29 13.17 -9.88
N THR A 487 23.17 14.18 -9.79
CA THR A 487 23.84 14.77 -10.97
C THR A 487 24.69 13.71 -11.67
N GLU A 488 25.48 12.96 -10.93
CA GLU A 488 26.30 11.83 -11.45
C GLU A 488 25.39 10.89 -12.26
N LYS A 489 24.14 10.63 -11.84
CA LYS A 489 23.26 9.65 -12.55
C LYS A 489 22.73 10.24 -13.88
N LEU A 490 22.95 11.53 -14.14
CA LEU A 490 22.41 12.18 -15.35
C LEU A 490 23.42 12.06 -16.49
N ALA A 491 24.49 11.33 -16.26
CA ALA A 491 25.57 11.13 -17.26
C ALA A 491 25.01 10.70 -18.63
N GLY A 492 25.16 11.53 -19.65
CA GLY A 492 24.75 11.06 -20.98
C GLY A 492 23.28 11.24 -21.28
N SER A 493 22.51 11.86 -20.40
CA SER A 493 21.08 12.17 -20.72
C SER A 493 21.00 13.58 -21.29
N LYS A 494 19.93 13.93 -22.00
CA LYS A 494 19.78 15.28 -22.61
C LYS A 494 19.23 16.29 -21.59
N ILE A 495 19.11 15.93 -20.31
CA ILE A 495 18.39 16.76 -19.29
C ILE A 495 19.32 17.85 -18.76
N CYS A 496 18.89 19.11 -18.80
CA CYS A 496 19.68 20.24 -18.25
C CYS A 496 21.07 20.27 -18.91
N SER A 497 21.19 19.88 -20.18
CA SER A 497 22.49 19.57 -20.87
C SER A 497 23.61 20.48 -20.39
N ALA B 22 -5.30 -12.44 3.51
CA ALA B 22 -5.94 -11.23 4.06
C ALA B 22 -5.03 -10.03 3.81
N THR B 23 -5.65 -8.85 3.68
CA THR B 23 -4.97 -7.62 3.23
C THR B 23 -4.30 -6.91 4.42
N PRO B 24 -3.40 -5.93 4.18
CA PRO B 24 -2.88 -5.09 5.24
C PRO B 24 -3.99 -4.46 6.11
N ALA B 25 -5.06 -3.94 5.48
CA ALA B 25 -6.20 -3.33 6.17
C ALA B 25 -6.83 -4.37 7.09
N ASP B 26 -6.96 -5.61 6.61
CA ASP B 26 -7.50 -6.74 7.41
C ASP B 26 -6.59 -7.00 8.63
N TRP B 27 -5.26 -6.96 8.47
CA TRP B 27 -4.30 -7.35 9.54
C TRP B 27 -4.19 -6.30 10.66
N ARG B 28 -4.52 -5.05 10.39
CA ARG B 28 -4.43 -3.96 11.40
C ARG B 28 -5.06 -4.37 12.73
N SER B 29 -6.15 -5.15 12.69
CA SER B 29 -6.98 -5.40 13.91
C SER B 29 -6.51 -6.68 14.61
N GLN B 30 -5.49 -7.33 14.04
CA GLN B 30 -5.04 -8.66 14.52
C GLN B 30 -4.08 -8.48 15.70
N SER B 31 -3.92 -9.58 16.44
CA SER B 31 -2.97 -9.76 17.58
C SER B 31 -2.35 -11.16 17.43
N ILE B 32 -1.01 -11.24 17.30
CA ILE B 32 -0.26 -12.46 16.88
C ILE B 32 0.38 -13.13 18.11
N TYR B 33 0.13 -14.42 18.27
CA TYR B 33 0.95 -15.34 19.08
C TYR B 33 1.95 -16.01 18.14
N PHE B 34 3.22 -15.70 18.31
CA PHE B 34 4.37 -16.22 17.51
C PHE B 34 4.93 -17.44 18.24
N LEU B 35 5.01 -18.56 17.54
CA LEU B 35 5.50 -19.83 18.14
C LEU B 35 6.49 -20.54 17.21
N LEU B 36 7.40 -21.33 17.81
CA LEU B 36 8.25 -22.28 17.05
C LEU B 36 7.46 -23.57 16.90
N THR B 37 7.26 -24.03 15.67
CA THR B 37 6.48 -25.27 15.47
C THR B 37 7.10 -26.40 16.30
N ASP B 38 8.42 -26.56 16.27
CA ASP B 38 9.13 -27.66 16.99
C ASP B 38 8.96 -27.56 18.50
N ARG B 39 8.61 -26.39 19.08
CA ARG B 39 8.79 -26.14 20.52
C ARG B 39 7.45 -25.81 21.17
N PHE B 40 6.34 -25.68 20.43
CA PHE B 40 5.08 -25.23 21.08
C PHE B 40 4.29 -26.42 21.69
N ALA B 41 3.96 -27.40 20.86
CA ALA B 41 3.03 -28.51 21.21
C ALA B 41 3.33 -29.75 20.38
N ARG B 42 3.51 -30.90 21.05
CA ARG B 42 3.71 -32.21 20.38
C ARG B 42 2.34 -32.86 20.11
N THR B 43 2.30 -33.78 19.13
CA THR B 43 1.06 -34.54 18.80
C THR B 43 0.53 -35.22 20.07
N ASP B 44 1.39 -35.86 20.85
CA ASP B 44 0.97 -36.63 22.06
C ASP B 44 0.52 -35.71 23.20
N GLY B 45 0.72 -34.39 23.12
CA GLY B 45 0.24 -33.46 24.16
C GLY B 45 1.01 -33.56 25.48
N SER B 46 2.20 -34.16 25.48
CA SER B 46 3.08 -34.26 26.67
C SER B 46 3.48 -32.87 27.16
N THR B 47 3.43 -32.66 28.48
CA THR B 47 3.99 -31.47 29.14
C THR B 47 5.29 -31.84 29.86
N THR B 48 5.83 -33.06 29.64
CA THR B 48 7.07 -33.51 30.33
C THR B 48 8.14 -33.92 29.33
N ALA B 49 7.83 -34.00 28.03
CA ALA B 49 8.79 -34.46 27.01
C ALA B 49 10.03 -33.57 27.05
N THR B 50 11.22 -34.18 27.13
CA THR B 50 12.51 -33.49 27.32
C THR B 50 12.66 -32.54 26.15
N CYS B 51 13.08 -31.32 26.45
CA CYS B 51 13.55 -30.40 25.38
C CYS B 51 14.68 -29.58 25.99
N ASN B 52 15.90 -30.08 25.84
N ASN B 52 15.91 -30.07 25.84
CA ASN B 52 17.15 -29.42 26.30
CA ASN B 52 17.13 -29.39 26.36
C ASN B 52 17.51 -28.44 25.18
C ASN B 52 17.58 -28.45 25.24
N THR B 53 17.34 -27.14 25.40
CA THR B 53 17.59 -26.11 24.35
C THR B 53 19.04 -26.17 23.88
N ALA B 54 19.97 -26.50 24.79
CA ALA B 54 21.43 -26.56 24.50
C ALA B 54 21.73 -27.63 23.43
N ASP B 55 20.92 -28.68 23.31
CA ASP B 55 21.11 -29.79 22.34
C ASP B 55 20.85 -29.27 20.92
N GLN B 56 20.00 -28.24 20.76
CA GLN B 56 19.61 -27.66 19.43
C GLN B 56 19.10 -28.77 18.51
N LYS B 57 18.33 -29.69 19.06
CA LYS B 57 17.74 -30.82 18.30
C LYS B 57 16.21 -30.68 18.28
N TYR B 58 15.59 -31.29 17.28
CA TYR B 58 14.12 -31.43 17.19
C TYR B 58 13.63 -31.97 18.53
N CYS B 59 12.67 -31.31 19.13
CA CYS B 59 12.02 -31.74 20.39
C CYS B 59 10.66 -32.38 20.11
N GLY B 60 10.14 -32.22 18.88
CA GLY B 60 8.97 -32.97 18.37
C GLY B 60 7.68 -32.16 18.26
N GLY B 61 7.70 -30.84 18.39
CA GLY B 61 6.50 -30.03 18.17
C GLY B 61 5.95 -30.19 16.75
N THR B 62 4.63 -30.17 16.59
CA THR B 62 3.91 -30.47 15.31
C THR B 62 2.77 -29.50 15.07
N TRP B 63 2.32 -29.47 13.81
CA TRP B 63 1.12 -28.71 13.37
C TRP B 63 -0.13 -29.24 14.11
N GLN B 64 -0.24 -30.55 14.29
CA GLN B 64 -1.38 -31.14 15.05
C GLN B 64 -1.31 -30.70 16.51
N GLY B 65 -0.11 -30.58 17.07
CA GLY B 65 0.02 -30.09 18.44
C GLY B 65 -0.58 -28.71 18.56
N ILE B 66 -0.29 -27.83 17.60
CA ILE B 66 -0.83 -26.43 17.64
C ILE B 66 -2.36 -26.50 17.63
N ILE B 67 -2.93 -27.29 16.71
CA ILE B 67 -4.42 -27.43 16.61
C ILE B 67 -4.97 -27.79 18.00
N ASP B 68 -4.41 -28.81 18.64
CA ASP B 68 -4.88 -29.30 19.96
C ASP B 68 -4.82 -28.21 21.03
N LYS B 69 -4.00 -27.16 20.87
CA LYS B 69 -3.83 -26.12 21.93
C LYS B 69 -4.39 -24.75 21.49
N LEU B 70 -5.19 -24.66 20.45
CA LEU B 70 -5.76 -23.36 20.00
C LEU B 70 -6.60 -22.71 21.10
N ASP B 71 -7.28 -23.46 21.97
CA ASP B 71 -8.04 -22.84 23.10
C ASP B 71 -7.11 -22.04 24.01
N TYR B 72 -5.96 -22.61 24.33
CA TYR B 72 -4.91 -21.94 25.14
C TYR B 72 -4.57 -20.60 24.51
N ILE B 73 -4.31 -20.61 23.19
CA ILE B 73 -3.88 -19.38 22.46
C ILE B 73 -5.04 -18.38 22.44
N GLN B 74 -6.23 -18.86 22.14
CA GLN B 74 -7.39 -17.96 21.90
C GLN B 74 -7.87 -17.42 23.25
N GLY B 75 -7.67 -18.16 24.35
CA GLY B 75 -8.00 -17.74 25.72
C GLY B 75 -7.21 -16.51 26.13
N MET B 76 -6.08 -16.19 25.47
CA MET B 76 -5.36 -14.92 25.74
C MET B 76 -5.84 -13.79 24.81
N GLY B 77 -6.80 -14.07 23.93
CA GLY B 77 -7.45 -13.08 23.05
C GLY B 77 -6.65 -12.75 21.80
N PHE B 78 -5.66 -13.60 21.43
CA PHE B 78 -4.97 -13.55 20.12
C PHE B 78 -5.96 -13.93 19.03
N THR B 79 -5.76 -13.31 17.85
CA THR B 79 -6.66 -13.48 16.67
C THR B 79 -5.88 -14.21 15.57
N ALA B 80 -4.60 -14.47 15.79
CA ALA B 80 -3.70 -15.00 14.74
C ALA B 80 -2.50 -15.69 15.38
N ILE B 81 -1.90 -16.65 14.69
CA ILE B 81 -0.56 -17.21 15.04
C ILE B 81 0.40 -17.00 13.87
N TRP B 82 1.67 -16.85 14.21
CA TRP B 82 2.82 -16.85 13.29
C TRP B 82 3.63 -18.10 13.62
N ILE B 83 3.83 -18.97 12.63
CA ILE B 83 4.59 -20.23 12.79
C ILE B 83 5.88 -20.11 11.98
N THR B 84 6.87 -20.84 12.42
CA THR B 84 8.23 -20.88 11.81
C THR B 84 8.11 -21.60 10.47
N PRO B 85 9.13 -21.46 9.60
CA PRO B 85 9.01 -21.95 8.23
C PRO B 85 8.68 -23.44 8.08
N VAL B 86 7.96 -23.72 7.00
CA VAL B 86 7.29 -25.02 6.75
C VAL B 86 8.09 -25.84 5.76
N THR B 87 9.08 -25.30 5.07
CA THR B 87 9.75 -25.99 3.94
C THR B 87 10.73 -27.04 4.47
N ALA B 88 11.00 -28.05 3.63
CA ALA B 88 11.97 -29.12 3.90
C ALA B 88 13.38 -28.54 4.08
N GLN B 89 14.11 -29.04 5.08
CA GLN B 89 15.39 -28.48 5.57
C GLN B 89 16.57 -29.38 5.19
N LEU B 90 17.80 -28.92 5.45
CA LEU B 90 18.97 -29.84 5.46
C LEU B 90 18.65 -30.97 6.46
N PRO B 91 19.00 -32.23 6.14
CA PRO B 91 18.64 -33.38 6.97
C PRO B 91 19.56 -33.59 8.19
N GLN B 92 20.77 -33.09 8.10
CA GLN B 92 21.80 -33.42 9.10
C GLN B 92 21.58 -32.79 10.48
N THR B 93 22.16 -33.44 11.47
CA THR B 93 22.36 -32.76 12.76
C THR B 93 23.73 -32.12 12.55
N THR B 94 23.75 -30.81 12.40
CA THR B 94 24.99 -30.02 12.17
C THR B 94 25.75 -29.86 13.48
N ALA B 95 26.94 -29.28 13.45
CA ALA B 95 27.65 -28.88 14.70
C ALA B 95 26.78 -27.89 15.50
N TYR B 96 25.79 -27.22 14.89
CA TYR B 96 24.91 -26.24 15.54
C TYR B 96 23.54 -26.83 15.74
N GLY B 97 23.42 -28.16 15.65
CA GLY B 97 22.14 -28.86 15.86
C GLY B 97 21.35 -29.04 14.58
N ASP B 98 20.10 -29.41 14.77
CA ASP B 98 19.09 -29.68 13.71
C ASP B 98 18.50 -28.37 13.16
N ALA B 99 17.86 -28.47 12.00
CA ALA B 99 17.06 -27.38 11.39
C ALA B 99 15.69 -27.27 12.03
N TYR B 100 15.59 -27.41 13.36
CA TYR B 100 14.31 -27.43 14.13
C TYR B 100 13.53 -26.12 13.92
N HIS B 101 14.27 -25.05 13.67
CA HIS B 101 13.79 -23.65 13.55
C HIS B 101 13.23 -23.36 12.14
N GLY B 102 13.56 -24.15 11.10
CA GLY B 102 12.98 -23.95 9.76
C GLY B 102 13.77 -23.01 8.86
N TYR B 103 14.88 -22.45 9.31
CA TYR B 103 15.58 -21.40 8.53
C TYR B 103 16.71 -21.95 7.68
N TRP B 104 16.78 -23.27 7.49
CA TRP B 104 17.90 -23.88 6.70
C TRP B 104 17.28 -24.72 5.57
N GLN B 105 16.56 -24.09 4.65
CA GLN B 105 15.76 -24.85 3.64
C GLN B 105 16.69 -25.43 2.57
N GLN B 106 16.25 -26.52 1.95
CA GLN B 106 16.90 -27.12 0.76
C GLN B 106 15.88 -27.38 -0.37
N ASP B 107 14.72 -27.94 -0.07
CA ASP B 107 13.67 -28.27 -1.07
C ASP B 107 12.40 -27.50 -0.71
N ILE B 108 12.17 -26.40 -1.40
CA ILE B 108 11.02 -25.49 -1.09
C ILE B 108 9.71 -26.10 -1.54
N TYR B 109 9.72 -27.16 -2.36
CA TYR B 109 8.47 -27.81 -2.84
C TYR B 109 8.15 -29.06 -2.01
N SER B 110 8.89 -29.35 -0.94
CA SER B 110 8.46 -30.35 0.08
C SER B 110 8.31 -29.64 1.42
N LEU B 111 7.50 -30.24 2.30
CA LEU B 111 7.32 -29.78 3.69
C LEU B 111 8.32 -30.50 4.60
N ASN B 112 8.60 -29.87 5.73
CA ASN B 112 9.46 -30.47 6.78
C ASN B 112 8.59 -31.52 7.48
N GLU B 113 8.85 -32.79 7.18
CA GLU B 113 8.03 -33.95 7.65
C GLU B 113 8.06 -34.04 9.18
N ASN B 114 9.02 -33.41 9.86
CA ASN B 114 9.03 -33.36 11.34
C ASN B 114 7.72 -32.79 11.89
N TYR B 115 7.08 -31.86 11.17
CA TYR B 115 5.93 -31.13 11.75
C TYR B 115 4.62 -31.80 11.34
N GLY B 116 4.69 -32.73 10.39
CA GLY B 116 3.50 -33.43 9.87
C GLY B 116 3.48 -33.43 8.36
N THR B 117 2.30 -33.61 7.78
CA THR B 117 2.07 -33.70 6.32
C THR B 117 1.40 -32.44 5.81
N ALA B 118 1.28 -32.31 4.50
CA ALA B 118 0.47 -31.28 3.82
C ALA B 118 -0.94 -31.23 4.40
N ASP B 119 -1.58 -32.37 4.68
CA ASP B 119 -2.95 -32.43 5.26
C ASP B 119 -2.97 -31.80 6.65
N ASP B 120 -1.93 -32.03 7.45
CA ASP B 120 -1.85 -31.48 8.82
C ASP B 120 -1.79 -29.94 8.73
N LEU B 121 -1.02 -29.40 7.78
CA LEU B 121 -0.81 -27.94 7.68
C LEU B 121 -2.11 -27.28 7.20
N LYS B 122 -2.78 -27.91 6.24
CA LYS B 122 -4.14 -27.51 5.79
C LYS B 122 -5.13 -27.61 6.94
N ALA B 123 -5.00 -28.65 7.76
CA ALA B 123 -5.89 -28.82 8.94
C ALA B 123 -5.69 -27.65 9.91
N LEU B 124 -4.45 -27.20 10.08
CA LEU B 124 -4.15 -26.08 11.00
C LEU B 124 -4.80 -24.78 10.49
N SER B 125 -4.57 -24.49 9.21
CA SER B 125 -5.21 -23.38 8.46
C SER B 125 -6.73 -23.37 8.70
N SER B 126 -7.40 -24.51 8.46
CA SER B 126 -8.89 -24.58 8.55
C SER B 126 -9.33 -24.48 10.02
N ALA B 127 -8.58 -25.04 10.98
CA ALA B 127 -8.92 -24.95 12.43
C ALA B 127 -8.86 -23.48 12.89
N LEU B 128 -7.83 -22.72 12.48
CA LEU B 128 -7.76 -21.27 12.80
C LEU B 128 -8.97 -20.58 12.14
N HIS B 129 -9.22 -20.83 10.86
CA HIS B 129 -10.32 -20.17 10.10
C HIS B 129 -11.65 -20.45 10.79
N GLU B 130 -11.91 -21.67 11.28
CA GLU B 130 -13.20 -21.99 11.97
C GLU B 130 -13.36 -21.17 13.26
N ARG B 131 -12.26 -20.74 13.87
CA ARG B 131 -12.29 -19.96 15.12
C ARG B 131 -12.23 -18.47 14.80
N GLY B 132 -12.19 -18.10 13.52
CA GLY B 132 -12.11 -16.69 13.09
C GLY B 132 -10.69 -16.15 13.25
N MET B 133 -9.69 -17.03 13.16
CA MET B 133 -8.26 -16.65 13.37
C MET B 133 -7.50 -16.71 12.05
N TYR B 134 -6.36 -16.01 11.98
CA TYR B 134 -5.46 -16.00 10.81
C TYR B 134 -4.24 -16.88 11.08
N LEU B 135 -3.70 -17.46 10.01
CA LEU B 135 -2.41 -18.17 9.97
C LEU B 135 -1.43 -17.24 9.26
N MET B 136 -0.32 -16.93 9.92
CA MET B 136 0.85 -16.28 9.27
C MET B 136 2.00 -17.29 9.24
N VAL B 137 2.66 -17.41 8.09
CA VAL B 137 3.75 -18.37 7.89
C VAL B 137 5.03 -17.58 7.63
N ASP B 138 6.09 -18.01 8.32
CA ASP B 138 7.47 -17.48 8.24
C ASP B 138 8.09 -18.02 6.95
N VAL B 139 8.79 -17.19 6.20
CA VAL B 139 9.40 -17.63 4.93
C VAL B 139 10.77 -16.96 4.84
N VAL B 140 11.69 -17.58 4.13
CA VAL B 140 13.04 -17.02 3.82
C VAL B 140 13.19 -17.01 2.32
N ALA B 141 13.57 -15.88 1.74
CA ALA B 141 13.94 -15.77 0.31
C ALA B 141 15.44 -15.65 0.15
N ASN B 142 16.15 -15.13 1.16
CA ASN B 142 17.58 -14.74 1.00
C ASN B 142 18.48 -15.96 0.72
N HIS B 143 18.23 -17.10 1.37
CA HIS B 143 19.26 -18.17 1.46
C HIS B 143 18.64 -19.55 1.64
N MET B 144 19.41 -20.53 1.18
CA MET B 144 19.22 -21.96 1.51
C MET B 144 20.13 -22.27 2.72
N GLY B 145 20.10 -23.48 3.22
CA GLY B 145 21.00 -23.96 4.28
C GLY B 145 21.72 -25.23 3.83
N TYR B 146 22.99 -25.38 4.27
CA TYR B 146 23.88 -26.51 3.89
C TYR B 146 24.83 -26.84 5.06
N ASP B 147 24.95 -28.13 5.38
CA ASP B 147 25.85 -28.59 6.47
C ASP B 147 27.27 -28.60 5.92
N GLY B 148 28.11 -27.65 6.32
CA GLY B 148 29.52 -27.62 5.87
C GLY B 148 29.91 -26.30 5.24
N ALA B 149 31.18 -26.23 4.83
CA ALA B 149 31.85 -25.02 4.30
C ALA B 149 31.21 -24.58 2.96
N GLY B 150 31.28 -23.28 2.66
CA GLY B 150 30.78 -22.68 1.41
C GLY B 150 31.38 -23.37 0.19
N SER B 151 32.70 -23.62 0.22
CA SER B 151 33.47 -24.28 -0.86
C SER B 151 33.04 -25.73 -1.06
N SER B 152 32.29 -26.32 -0.13
CA SER B 152 31.95 -27.76 -0.17
C SER B 152 30.52 -27.95 -0.68
N VAL B 153 29.77 -26.88 -0.92
CA VAL B 153 28.30 -26.98 -1.17
C VAL B 153 28.10 -27.76 -2.47
N ASP B 154 27.22 -28.76 -2.46
CA ASP B 154 26.72 -29.46 -3.65
C ASP B 154 25.36 -28.82 -4.00
N TYR B 155 25.35 -27.93 -4.98
CA TYR B 155 24.16 -27.09 -5.28
C TYR B 155 23.00 -27.96 -5.76
N SER B 156 23.27 -29.19 -6.18
CA SER B 156 22.24 -30.10 -6.70
C SER B 156 21.26 -30.48 -5.59
N VAL B 157 21.55 -30.32 -4.30
CA VAL B 157 20.53 -30.67 -3.26
C VAL B 157 19.42 -29.60 -3.18
N PHE B 158 19.62 -28.38 -3.67
CA PHE B 158 18.60 -27.28 -3.58
C PHE B 158 17.55 -27.44 -4.69
N LYS B 159 16.27 -27.46 -4.33
CA LYS B 159 15.13 -27.55 -5.28
C LYS B 159 14.27 -26.30 -5.11
N PRO B 160 14.04 -25.48 -6.17
CA PRO B 160 14.46 -25.77 -7.55
C PRO B 160 15.85 -25.23 -7.96
N PHE B 161 16.56 -24.56 -7.03
CA PHE B 161 17.78 -23.78 -7.30
C PHE B 161 19.01 -24.69 -7.35
N SER B 162 18.97 -25.72 -8.20
CA SER B 162 19.87 -26.89 -8.16
C SER B 162 21.13 -26.59 -8.97
N SER B 163 21.61 -25.36 -8.93
CA SER B 163 22.82 -24.97 -9.68
C SER B 163 23.48 -23.81 -8.95
N GLN B 164 24.82 -23.77 -8.96
CA GLN B 164 25.64 -22.63 -8.51
C GLN B 164 25.20 -21.34 -9.24
N ASP B 165 24.63 -21.46 -10.45
CA ASP B 165 24.21 -20.32 -11.30
C ASP B 165 23.11 -19.49 -10.62
N TYR B 166 22.38 -20.04 -9.66
CA TYR B 166 21.30 -19.30 -8.97
C TYR B 166 21.81 -18.45 -7.81
N PHE B 167 23.10 -18.57 -7.45
CA PHE B 167 23.68 -18.00 -6.20
C PHE B 167 24.70 -16.92 -6.48
N HIS B 168 24.79 -15.96 -5.57
CA HIS B 168 25.92 -15.02 -5.51
C HIS B 168 27.22 -15.77 -5.28
N PRO B 169 28.30 -15.30 -5.90
CA PRO B 169 29.64 -15.74 -5.55
C PRO B 169 29.87 -15.81 -4.02
N PHE B 170 30.50 -16.89 -3.55
CA PHE B 170 30.82 -17.10 -2.12
C PHE B 170 31.66 -15.94 -1.55
N CYS B 171 31.18 -15.27 -0.48
CA CYS B 171 31.92 -14.25 0.29
C CYS B 171 31.17 -14.11 1.60
N PHE B 172 31.82 -13.62 2.64
CA PHE B 172 31.19 -13.29 3.94
C PHE B 172 31.06 -11.77 4.03
N ILE B 173 30.07 -11.28 4.77
CA ILE B 173 29.88 -9.82 5.01
C ILE B 173 30.98 -9.38 5.98
N GLN B 174 31.83 -8.46 5.55
CA GLN B 174 32.93 -7.88 6.36
C GLN B 174 32.60 -6.44 6.79
N ASN B 175 31.77 -5.75 6.01
CA ASN B 175 31.44 -4.31 6.25
C ASN B 175 29.91 -4.21 6.25
N TYR B 176 29.29 -4.29 7.42
CA TYR B 176 27.82 -4.15 7.52
C TYR B 176 27.43 -2.70 7.15
N GLU B 177 28.38 -1.79 6.95
CA GLU B 177 28.09 -0.40 6.48
C GLU B 177 27.91 -0.36 4.96
N ASP B 178 28.31 -1.42 4.23
CA ASP B 178 28.25 -1.53 2.75
C ASP B 178 26.98 -2.33 2.41
N GLN B 179 25.88 -1.66 2.07
CA GLN B 179 24.58 -2.34 1.82
C GLN B 179 24.73 -3.33 0.66
N THR B 180 25.58 -3.09 -0.33
CA THR B 180 25.80 -4.04 -1.45
C THR B 180 26.37 -5.36 -0.91
N GLN B 181 27.33 -5.29 0.00
CA GLN B 181 27.94 -6.48 0.65
C GLN B 181 26.87 -7.19 1.50
N VAL B 182 26.10 -6.43 2.28
CA VAL B 182 24.99 -6.98 3.12
C VAL B 182 24.06 -7.82 2.22
N GLU B 183 23.79 -7.38 0.99
CA GLU B 183 22.85 -8.08 0.08
C GLU B 183 23.52 -9.19 -0.74
N ASP B 184 24.77 -8.99 -1.13
CA ASP B 184 25.41 -9.87 -2.14
C ASP B 184 26.27 -10.97 -1.47
N CYS B 185 26.78 -10.78 -0.25
CA CYS B 185 27.62 -11.80 0.45
C CYS B 185 26.73 -12.76 1.27
N TRP B 186 27.33 -13.84 1.73
CA TRP B 186 26.62 -14.95 2.42
C TRP B 186 26.56 -14.63 3.90
N LEU B 187 25.43 -14.98 4.51
CA LEU B 187 25.29 -15.10 5.97
C LEU B 187 25.89 -16.46 6.42
N GLY B 188 25.84 -16.78 7.69
CA GLY B 188 26.32 -18.08 8.20
C GLY B 188 27.83 -18.08 8.24
N ASP B 189 28.44 -19.26 8.21
CA ASP B 189 29.89 -19.44 8.36
C ASP B 189 30.30 -20.71 7.63
N ASN B 190 31.50 -21.24 7.93
CA ASN B 190 32.01 -22.45 7.25
C ASN B 190 31.62 -23.71 8.02
N THR B 191 30.77 -23.58 9.03
CA THR B 191 30.21 -24.74 9.76
C THR B 191 28.83 -25.04 9.18
N VAL B 192 27.93 -24.07 9.25
CA VAL B 192 26.63 -24.15 8.50
C VAL B 192 26.56 -22.98 7.55
N SER B 193 26.67 -23.25 6.26
CA SER B 193 26.69 -22.17 5.27
C SER B 193 25.24 -21.90 4.83
N LEU B 194 25.02 -20.68 4.38
CA LEU B 194 23.68 -20.20 4.00
C LEU B 194 23.80 -19.64 2.59
N PRO B 195 23.85 -20.53 1.57
CA PRO B 195 24.09 -20.10 0.20
C PRO B 195 23.11 -19.02 -0.24
N ASP B 196 23.66 -17.92 -0.75
CA ASP B 196 22.94 -16.63 -0.93
C ASP B 196 22.41 -16.58 -2.36
N LEU B 197 21.10 -16.67 -2.51
CA LEU B 197 20.43 -16.62 -3.83
C LEU B 197 20.75 -15.28 -4.51
N ASP B 198 21.01 -15.34 -5.82
CA ASP B 198 21.17 -14.10 -6.62
C ASP B 198 19.75 -13.59 -6.93
N THR B 199 19.20 -12.81 -5.99
CA THR B 199 17.82 -12.28 -6.06
C THR B 199 17.73 -11.15 -7.10
N THR B 200 18.82 -10.78 -7.76
CA THR B 200 18.77 -9.81 -8.89
C THR B 200 18.47 -10.55 -10.20
N LYS B 201 18.55 -11.89 -10.27
CA LYS B 201 18.32 -12.65 -11.53
C LYS B 201 16.82 -12.81 -11.74
N ASP B 202 16.37 -12.63 -12.99
CA ASP B 202 14.92 -12.74 -13.30
C ASP B 202 14.47 -14.16 -12.99
N VAL B 203 15.32 -15.16 -13.24
CA VAL B 203 14.93 -16.58 -13.03
C VAL B 203 14.66 -16.80 -11.52
N VAL B 204 15.46 -16.18 -10.65
CA VAL B 204 15.33 -16.33 -9.17
C VAL B 204 14.05 -15.60 -8.72
N LYS B 205 13.79 -14.39 -9.24
CA LYS B 205 12.55 -13.66 -8.88
C LYS B 205 11.37 -14.54 -9.30
N ASN B 206 11.37 -15.02 -10.56
CA ASN B 206 10.19 -15.70 -11.12
C ASN B 206 9.92 -16.96 -10.30
N GLU B 207 10.97 -17.72 -9.94
N GLU B 207 10.99 -17.72 -9.97
CA GLU B 207 10.78 -18.97 -9.15
CA GLU B 207 10.92 -18.97 -9.15
C GLU B 207 10.23 -18.65 -7.76
C GLU B 207 10.29 -18.68 -7.78
N TRP B 208 10.82 -17.68 -7.07
CA TRP B 208 10.29 -17.29 -5.72
C TRP B 208 8.86 -16.76 -5.85
N TYR B 209 8.56 -15.91 -6.84
CA TYR B 209 7.20 -15.30 -6.96
C TYR B 209 6.18 -16.42 -7.23
N ASP B 210 6.48 -17.35 -8.13
CA ASP B 210 5.57 -18.49 -8.40
C ASP B 210 5.40 -19.32 -7.12
N TRP B 211 6.49 -19.59 -6.41
CA TRP B 211 6.44 -20.44 -5.19
C TRP B 211 5.53 -19.78 -4.14
N VAL B 212 5.74 -18.49 -3.86
CA VAL B 212 5.03 -17.91 -2.68
C VAL B 212 3.54 -17.81 -2.98
N GLY B 213 3.18 -17.44 -4.22
CA GLY B 213 1.78 -17.46 -4.65
C GLY B 213 1.16 -18.82 -4.44
N SER B 214 1.83 -19.89 -4.87
CA SER B 214 1.26 -21.26 -4.76
C SER B 214 1.27 -21.73 -3.29
N LEU B 215 2.26 -21.34 -2.49
CA LEU B 215 2.28 -21.68 -1.04
C LEU B 215 1.02 -21.14 -0.38
N VAL B 216 0.76 -19.84 -0.55
CA VAL B 216 -0.39 -19.14 0.12
C VAL B 216 -1.70 -19.79 -0.32
N SER B 217 -1.89 -20.00 -1.63
CA SER B 217 -3.14 -20.65 -2.11
C SER B 217 -3.21 -22.11 -1.63
N ASN B 218 -2.14 -22.90 -1.67
CA ASN B 218 -2.26 -24.33 -1.29
C ASN B 218 -2.73 -24.42 0.15
N TYR B 219 -2.24 -23.55 1.04
CA TYR B 219 -2.46 -23.75 2.48
C TYR B 219 -3.39 -22.67 3.02
N SER B 220 -4.02 -21.84 2.17
CA SER B 220 -4.94 -20.76 2.62
C SER B 220 -4.28 -19.95 3.74
N ILE B 221 -3.06 -19.51 3.49
CA ILE B 221 -2.26 -18.69 4.43
C ILE B 221 -2.79 -17.26 4.35
N ASP B 222 -2.92 -16.58 5.50
CA ASP B 222 -3.58 -15.26 5.64
C ASP B 222 -2.54 -14.14 5.58
N GLY B 223 -1.28 -14.42 5.96
CA GLY B 223 -0.19 -13.43 5.98
C GLY B 223 1.15 -14.10 6.08
N LEU B 224 2.22 -13.38 5.71
CA LEU B 224 3.59 -13.95 5.77
C LEU B 224 4.43 -13.04 6.67
N ARG B 225 5.30 -13.66 7.45
CA ARG B 225 6.46 -12.98 8.05
C ARG B 225 7.67 -13.36 7.20
N ILE B 226 8.39 -12.35 6.74
CA ILE B 226 9.55 -12.60 5.85
C ILE B 226 10.80 -12.35 6.68
N ASP B 227 11.58 -13.42 6.88
CA ASP B 227 12.89 -13.36 7.58
C ASP B 227 13.90 -12.72 6.64
N THR B 228 14.91 -12.03 7.19
CA THR B 228 16.16 -11.75 6.46
C THR B 228 15.92 -10.76 5.31
N VAL B 229 15.11 -9.72 5.53
CA VAL B 229 14.68 -8.82 4.40
C VAL B 229 15.84 -7.94 3.96
N LYS B 230 16.65 -7.39 4.90
CA LYS B 230 17.66 -6.34 4.56
C LYS B 230 18.79 -6.95 3.73
N HIS B 231 18.88 -8.29 3.66
CA HIS B 231 19.92 -9.04 2.91
C HIS B 231 19.51 -9.32 1.48
N VAL B 232 18.33 -8.83 1.06
CA VAL B 232 17.81 -8.95 -0.33
C VAL B 232 17.53 -7.53 -0.84
N GLN B 233 18.05 -7.18 -2.02
CA GLN B 233 17.93 -5.82 -2.61
C GLN B 233 16.44 -5.46 -2.67
N LYS B 234 16.10 -4.20 -2.37
CA LYS B 234 14.71 -3.70 -2.27
C LYS B 234 13.84 -4.03 -3.48
N ASP B 235 14.37 -3.99 -4.71
CA ASP B 235 13.54 -4.17 -5.95
C ASP B 235 12.99 -5.60 -6.07
N PHE B 236 13.46 -6.53 -5.23
CA PHE B 236 12.92 -7.91 -5.17
C PHE B 236 11.53 -7.91 -4.53
N TRP B 237 11.34 -7.07 -3.49
CA TRP B 237 10.24 -7.29 -2.51
C TRP B 237 8.85 -6.92 -3.03
N PRO B 238 8.62 -5.88 -3.86
CA PRO B 238 7.27 -5.59 -4.35
C PRO B 238 6.63 -6.76 -5.11
N GLY B 239 7.37 -7.37 -6.03
CA GLY B 239 6.89 -8.54 -6.79
C GLY B 239 6.58 -9.71 -5.88
N TYR B 240 7.39 -9.90 -4.82
CA TYR B 240 7.21 -11.01 -3.86
C TYR B 240 5.90 -10.79 -3.09
N ASN B 241 5.71 -9.60 -2.53
CA ASN B 241 4.54 -9.20 -1.71
C ASN B 241 3.28 -9.32 -2.59
N LYS B 242 3.37 -8.89 -3.85
CA LYS B 242 2.18 -8.92 -4.75
C LYS B 242 1.89 -10.38 -5.10
N ALA B 243 2.92 -11.19 -5.39
CA ALA B 243 2.73 -12.63 -5.75
C ALA B 243 2.09 -13.35 -4.57
N ALA B 244 2.54 -13.04 -3.34
CA ALA B 244 1.97 -13.64 -2.11
C ALA B 244 0.48 -13.29 -2.01
N GLY B 245 0.07 -12.08 -2.42
CA GLY B 245 -1.36 -11.66 -2.42
C GLY B 245 -1.96 -11.53 -1.03
N VAL B 246 -1.13 -11.46 0.02
CA VAL B 246 -1.56 -11.25 1.43
C VAL B 246 -0.60 -10.25 2.08
N TYR B 247 -0.97 -9.70 3.23
CA TYR B 247 -0.08 -8.88 4.10
C TYR B 247 1.24 -9.63 4.37
N CYS B 248 2.35 -8.94 4.09
CA CYS B 248 3.72 -9.38 4.39
C CYS B 248 4.35 -8.42 5.40
N ILE B 249 4.84 -8.95 6.52
CA ILE B 249 5.64 -8.19 7.52
C ILE B 249 7.09 -8.69 7.49
N GLY B 250 8.01 -7.80 7.13
CA GLY B 250 9.45 -8.08 6.98
C GLY B 250 10.24 -7.99 8.27
N GLU B 251 11.21 -8.89 8.46
CA GLU B 251 12.31 -8.70 9.42
C GLU B 251 13.40 -7.80 8.81
N VAL B 252 13.46 -6.55 9.25
CA VAL B 252 14.57 -5.60 8.91
C VAL B 252 15.29 -5.30 10.23
N LEU B 253 16.44 -5.94 10.40
CA LEU B 253 17.12 -5.98 11.72
C LEU B 253 17.96 -4.71 11.85
N ASP B 254 17.31 -3.62 12.22
CA ASP B 254 18.00 -2.34 12.47
C ASP B 254 17.10 -1.50 13.36
N GLY B 255 17.69 -0.94 14.42
CA GLY B 255 16.96 -0.09 15.38
C GLY B 255 16.74 1.31 14.84
N ASP B 256 17.40 1.70 13.74
CA ASP B 256 17.28 3.08 13.18
C ASP B 256 16.07 3.16 12.25
N PRO B 257 14.99 3.90 12.61
CA PRO B 257 13.82 4.02 11.73
C PRO B 257 14.17 4.63 10.35
N ALA B 258 15.27 5.39 10.22
CA ALA B 258 15.77 5.90 8.94
C ALA B 258 16.26 4.75 8.04
N TYR B 259 16.70 3.62 8.59
CA TYR B 259 17.12 2.41 7.82
C TYR B 259 15.93 1.50 7.61
N THR B 260 15.15 1.26 8.67
CA THR B 260 14.14 0.18 8.73
C THR B 260 12.83 0.63 8.08
N CYS B 261 12.30 1.79 8.43
CA CYS B 261 10.95 2.20 7.95
C CYS B 261 10.85 2.37 6.44
N PRO B 262 11.91 2.74 5.70
CA PRO B 262 11.78 2.82 4.25
C PRO B 262 11.46 1.49 3.55
N TYR B 263 11.69 0.34 4.22
CA TYR B 263 11.30 -0.99 3.68
C TYR B 263 9.77 -1.08 3.53
N GLN B 264 9.00 -0.24 4.21
CA GLN B 264 7.52 -0.16 4.06
C GLN B 264 7.13 0.45 2.69
N ASN B 265 8.09 0.91 1.90
CA ASN B 265 7.82 1.38 0.52
C ASN B 265 7.97 0.22 -0.46
N VAL B 266 8.45 -0.95 -0.01
CA VAL B 266 8.56 -2.14 -0.92
C VAL B 266 7.88 -3.38 -0.34
N MET B 267 7.27 -3.26 0.83
CA MET B 267 6.64 -4.35 1.59
C MET B 267 5.56 -3.72 2.48
N ASP B 268 4.49 -4.44 2.77
CA ASP B 268 3.35 -3.85 3.53
C ASP B 268 3.81 -3.36 4.91
N GLY B 269 4.57 -4.21 5.60
CA GLY B 269 4.86 -4.06 7.03
C GLY B 269 6.28 -4.48 7.34
N VAL B 270 6.86 -3.90 8.39
CA VAL B 270 8.10 -4.44 9.01
C VAL B 270 7.88 -4.63 10.51
N LEU B 271 8.67 -5.53 11.09
CA LEU B 271 8.75 -5.71 12.56
C LEU B 271 9.32 -4.44 13.18
N ASN B 272 8.75 -3.98 14.28
CA ASN B 272 9.11 -2.67 14.88
C ASN B 272 10.38 -2.83 15.73
N TYR B 273 11.52 -3.03 15.07
CA TYR B 273 12.84 -3.09 15.73
C TYR B 273 13.21 -1.68 16.21
N PRO B 274 12.81 -0.56 15.55
CA PRO B 274 13.01 0.78 16.12
C PRO B 274 12.44 0.97 17.53
N ILE B 275 11.19 0.52 17.78
CA ILE B 275 10.57 0.58 19.13
C ILE B 275 11.18 -0.48 20.07
N TYR B 276 11.56 -1.65 19.56
CA TYR B 276 12.13 -2.75 20.36
C TYR B 276 13.16 -2.23 21.37
N TYR B 277 14.25 -1.60 20.93
CA TYR B 277 15.39 -1.29 21.80
C TYR B 277 14.96 -0.36 22.93
N PRO B 278 14.33 0.82 22.67
CA PRO B 278 13.95 1.71 23.78
C PRO B 278 12.80 1.14 24.61
N LEU B 279 11.98 0.24 24.05
CA LEU B 279 10.86 -0.38 24.82
C LEU B 279 11.45 -1.36 25.87
N LEU B 280 12.37 -2.21 25.43
CA LEU B 280 13.13 -3.13 26.31
C LEU B 280 13.86 -2.29 27.38
N ASN B 281 14.59 -1.27 26.97
CA ASN B 281 15.39 -0.44 27.91
C ASN B 281 14.48 0.25 28.92
N ALA B 282 13.29 0.70 28.51
CA ALA B 282 12.34 1.45 29.37
C ALA B 282 11.87 0.55 30.51
N PHE B 283 11.54 -0.71 30.23
CA PHE B 283 10.87 -1.59 31.22
C PHE B 283 11.79 -2.65 31.85
N LYS B 284 13.01 -2.88 31.33
CA LYS B 284 13.87 -3.98 31.82
C LYS B 284 14.52 -3.61 33.16
N SER B 285 14.49 -2.34 33.57
CA SER B 285 15.06 -1.90 34.87
C SER B 285 14.27 -0.72 35.39
N THR B 286 14.28 -0.54 36.72
CA THR B 286 13.57 0.59 37.39
C THR B 286 14.26 1.91 37.02
N SER B 287 15.45 1.88 36.44
CA SER B 287 16.14 3.11 35.95
C SER B 287 15.99 3.32 34.42
N GLY B 288 15.05 2.64 33.76
CA GLY B 288 14.93 2.74 32.30
C GLY B 288 14.43 4.11 31.82
N SER B 289 14.88 4.50 30.64
CA SER B 289 14.53 5.78 29.99
C SER B 289 13.10 5.75 29.38
N MET B 290 12.12 6.35 30.05
CA MET B 290 10.80 6.60 29.41
C MET B 290 10.93 7.63 28.28
N ASP B 291 11.88 8.52 28.39
CA ASP B 291 12.15 9.57 27.37
C ASP B 291 12.47 8.90 26.03
N ASP B 292 13.37 7.92 25.98
CA ASP B 292 13.81 7.32 24.68
C ASP B 292 12.61 6.61 24.06
N LEU B 293 11.72 6.02 24.86
CA LEU B 293 10.54 5.31 24.32
C LEU B 293 9.52 6.33 23.79
N TYR B 294 9.19 7.34 24.59
CA TYR B 294 8.27 8.44 24.22
C TYR B 294 8.72 9.02 22.88
N ASN B 295 10.00 9.34 22.77
CA ASN B 295 10.60 9.99 21.58
C ASN B 295 10.54 9.02 20.39
N MET B 296 10.82 7.73 20.59
CA MET B 296 10.77 6.78 19.46
C MET B 296 9.33 6.59 19.01
N ILE B 297 8.34 6.56 19.92
CA ILE B 297 6.92 6.44 19.50
C ILE B 297 6.62 7.60 18.53
N ASN B 298 7.02 8.83 18.86
CA ASN B 298 6.71 10.01 18.00
C ASN B 298 7.51 9.98 16.70
N THR B 299 8.76 9.50 16.75
CA THR B 299 9.62 9.36 15.55
C THR B 299 9.00 8.33 14.61
N VAL B 300 8.59 7.17 15.13
CA VAL B 300 8.01 6.12 14.24
C VAL B 300 6.68 6.63 13.66
N LYS B 301 5.86 7.29 14.50
CA LYS B 301 4.54 7.79 14.09
C LYS B 301 4.70 8.72 12.89
N SER B 302 5.68 9.62 12.91
CA SER B 302 5.86 10.63 11.83
C SER B 302 6.75 10.11 10.69
N ASP B 303 7.81 9.34 10.98
CA ASP B 303 8.84 9.05 9.95
C ASP B 303 8.63 7.69 9.26
N CYS B 304 7.75 6.83 9.78
CA CYS B 304 7.50 5.50 9.16
C CYS B 304 6.27 5.63 8.28
N PRO B 305 6.28 5.10 7.04
CA PRO B 305 5.10 5.24 6.18
C PRO B 305 3.76 4.96 6.86
N ASP B 306 3.67 3.88 7.64
CA ASP B 306 2.42 3.56 8.38
C ASP B 306 2.75 2.70 9.62
N SER B 307 2.86 3.38 10.77
CA SER B 307 3.09 2.84 12.12
C SER B 307 2.04 1.79 12.44
N THR B 308 0.85 1.85 11.81
CA THR B 308 -0.28 0.94 12.14
C THR B 308 -0.16 -0.39 11.40
N LEU B 309 0.81 -0.54 10.50
CA LEU B 309 1.12 -1.86 9.83
C LEU B 309 2.48 -2.43 10.29
N LEU B 310 3.06 -1.90 11.36
CA LEU B 310 4.29 -2.45 12.00
C LEU B 310 3.86 -3.47 13.06
N GLY B 311 4.81 -4.33 13.44
CA GLY B 311 4.64 -5.40 14.43
C GLY B 311 5.39 -5.07 15.70
N THR B 312 4.67 -4.85 16.78
CA THR B 312 5.22 -4.45 18.10
C THR B 312 5.60 -5.71 18.86
N PHE B 313 6.81 -5.74 19.43
CA PHE B 313 7.27 -6.90 20.22
C PHE B 313 8.34 -6.45 21.19
N VAL B 314 8.57 -7.26 22.23
CA VAL B 314 9.77 -7.11 23.10
C VAL B 314 10.53 -8.44 23.25
N GLU B 315 10.01 -9.52 22.68
CA GLU B 315 10.52 -10.87 22.95
C GLU B 315 10.40 -11.67 21.66
N ASN B 316 11.48 -12.37 21.29
CA ASN B 316 11.49 -13.31 20.14
C ASN B 316 12.63 -14.29 20.37
N HIS B 317 12.89 -15.10 19.36
CA HIS B 317 13.81 -16.26 19.37
C HIS B 317 15.20 -15.79 18.95
N ASP B 318 15.39 -14.49 18.75
CA ASP B 318 16.66 -13.94 18.21
C ASP B 318 17.31 -12.96 19.21
N ASN B 319 16.69 -12.78 20.37
CA ASN B 319 17.20 -11.90 21.45
C ASN B 319 16.93 -12.55 22.80
N PRO B 320 17.64 -12.12 23.88
CA PRO B 320 17.34 -12.63 25.22
C PRO B 320 15.88 -12.32 25.51
N ARG B 321 15.20 -13.22 26.21
CA ARG B 321 13.81 -12.95 26.60
C ARG B 321 13.80 -11.81 27.62
N PHE B 322 12.64 -11.15 27.72
CA PHE B 322 12.46 -10.00 28.65
C PHE B 322 12.88 -10.44 30.07
N ALA B 323 12.37 -11.57 30.58
CA ALA B 323 12.66 -12.06 31.96
C ALA B 323 14.13 -12.45 32.15
N SER B 324 14.93 -12.63 31.08
CA SER B 324 16.39 -12.83 31.20
C SER B 324 17.05 -11.55 31.72
N TYR B 325 16.43 -10.39 31.54
CA TYR B 325 16.94 -9.07 31.99
C TYR B 325 16.47 -8.78 33.41
N THR B 326 15.19 -9.08 33.71
CA THR B 326 14.62 -8.86 35.05
C THR B 326 13.50 -9.86 35.26
N ASN B 327 13.45 -10.47 36.43
CA ASN B 327 12.32 -11.37 36.82
C ASN B 327 11.20 -10.57 37.48
N ASP B 328 11.27 -9.25 37.52
CA ASP B 328 10.17 -8.42 38.09
C ASP B 328 8.89 -8.63 37.30
N ILE B 329 7.85 -9.15 37.95
CA ILE B 329 6.58 -9.50 37.26
C ILE B 329 5.83 -8.21 36.88
N ALA B 330 5.88 -7.16 37.69
CA ALA B 330 5.21 -5.90 37.32
C ALA B 330 5.87 -5.33 36.06
N LEU B 331 7.19 -5.38 35.97
CA LEU B 331 7.85 -4.86 34.74
C LEU B 331 7.36 -5.64 33.51
N ALA B 332 7.20 -6.96 33.63
CA ALA B 332 6.81 -7.83 32.51
C ALA B 332 5.35 -7.53 32.12
N LYS B 333 4.48 -7.23 33.10
CA LYS B 333 3.07 -6.88 32.80
C LYS B 333 3.04 -5.54 32.03
N ASN B 334 3.88 -4.56 32.38
CA ASN B 334 3.83 -3.22 31.76
C ASN B 334 4.29 -3.35 30.30
N VAL B 335 5.35 -4.12 30.06
CA VAL B 335 5.88 -4.23 28.68
C VAL B 335 4.87 -5.01 27.83
N ALA B 336 4.23 -6.03 28.39
CA ALA B 336 3.19 -6.78 27.66
C ALA B 336 2.01 -5.86 27.33
N ALA B 337 1.56 -5.04 28.29
CA ALA B 337 0.46 -4.06 28.06
C ALA B 337 0.88 -3.17 26.88
N PHE B 338 2.11 -2.66 26.87
CA PHE B 338 2.53 -1.72 25.81
C PHE B 338 2.38 -2.40 24.44
N ILE B 339 2.90 -3.62 24.34
CA ILE B 339 2.87 -4.41 23.08
C ILE B 339 1.42 -4.54 22.59
N ILE B 340 0.47 -4.80 23.48
CA ILE B 340 -0.91 -5.03 23.00
C ILE B 340 -1.54 -3.68 22.58
N LEU B 341 -1.17 -2.56 23.19
CA LEU B 341 -1.94 -1.28 23.05
C LEU B 341 -1.18 -0.24 22.20
N ASN B 342 0.00 -0.56 21.69
CA ASN B 342 0.74 0.32 20.76
C ASN B 342 0.06 0.26 19.37
N ASP B 343 0.40 1.21 18.51
CA ASP B 343 0.06 1.15 17.07
C ASP B 343 0.54 -0.17 16.51
N GLY B 344 -0.22 -0.70 15.56
CA GLY B 344 0.21 -1.86 14.79
C GLY B 344 -0.25 -3.15 15.45
N ILE B 345 0.42 -4.21 15.08
CA ILE B 345 -0.04 -5.57 15.40
C ILE B 345 0.78 -6.06 16.58
N PRO B 346 0.13 -6.35 17.71
CA PRO B 346 0.83 -6.96 18.85
C PRO B 346 1.40 -8.33 18.46
N ILE B 347 2.65 -8.59 18.87
CA ILE B 347 3.31 -9.91 18.70
C ILE B 347 3.94 -10.35 20.03
N ILE B 348 3.33 -11.38 20.63
CA ILE B 348 3.81 -12.08 21.84
C ILE B 348 4.45 -13.41 21.41
N TYR B 349 5.63 -13.72 21.97
CA TYR B 349 6.40 -14.94 21.62
C TYR B 349 6.09 -16.01 22.68
N ALA B 350 5.63 -17.17 22.20
CA ALA B 350 5.29 -18.36 22.99
C ALA B 350 6.32 -18.52 24.13
N GLY B 351 5.84 -18.53 25.37
CA GLY B 351 6.66 -18.56 26.61
C GLY B 351 6.73 -17.22 27.33
N GLN B 352 6.58 -16.09 26.63
CA GLN B 352 6.56 -14.75 27.28
C GLN B 352 5.42 -14.75 28.33
N GLU B 353 4.30 -15.40 28.02
CA GLU B 353 3.09 -15.41 28.90
C GLU B 353 3.31 -16.30 30.12
N GLN B 354 4.36 -17.12 30.11
CA GLN B 354 4.75 -18.00 31.25
C GLN B 354 6.10 -17.51 31.77
N HIS B 355 6.50 -16.29 31.42
CA HIS B 355 7.61 -15.56 32.09
C HIS B 355 8.93 -16.28 31.84
N TYR B 356 9.07 -16.96 30.70
CA TYR B 356 10.31 -17.66 30.31
C TYR B 356 11.48 -16.67 30.31
N ALA B 357 12.67 -17.09 30.75
CA ALA B 357 13.81 -16.19 31.02
C ALA B 357 15.05 -16.64 30.26
N GLY B 358 14.89 -17.41 29.19
CA GLY B 358 16.03 -17.87 28.38
C GLY B 358 16.78 -16.71 27.75
N GLY B 359 18.10 -16.85 27.68
CA GLY B 359 18.97 -15.86 27.03
C GLY B 359 19.07 -16.09 25.54
N ASN B 360 20.17 -15.65 24.94
CA ASN B 360 20.34 -15.78 23.47
C ASN B 360 20.28 -17.25 23.00
N ASP B 361 19.84 -17.38 21.75
CA ASP B 361 19.83 -18.61 20.93
C ASP B 361 21.02 -19.50 21.33
N PRO B 362 20.79 -20.75 21.75
CA PRO B 362 19.47 -21.40 21.70
C PRO B 362 18.57 -21.35 22.95
N ALA B 363 18.95 -20.56 23.97
CA ALA B 363 18.32 -20.57 25.32
C ALA B 363 16.90 -20.02 25.26
N ASN B 364 16.58 -19.22 24.23
CA ASN B 364 15.25 -18.56 24.03
C ASN B 364 14.32 -19.41 23.15
N ARG B 365 14.66 -20.66 22.90
CA ARG B 365 13.81 -21.59 22.12
C ARG B 365 13.23 -22.68 23.04
N GLU B 366 12.89 -22.30 24.27
CA GLU B 366 12.29 -23.22 25.26
C GLU B 366 10.95 -23.76 24.75
N ALA B 367 10.63 -24.99 25.16
CA ALA B 367 9.38 -25.67 24.78
C ALA B 367 8.28 -25.13 25.66
N THR B 368 7.18 -24.69 25.04
CA THR B 368 6.05 -24.06 25.73
C THR B 368 5.37 -25.15 26.59
N TRP B 369 5.39 -26.40 26.11
CA TRP B 369 4.67 -27.54 26.78
C TRP B 369 5.23 -27.77 28.19
N LEU B 370 6.51 -27.47 28.44
CA LEU B 370 7.10 -27.71 29.78
C LEU B 370 6.52 -26.77 30.84
N SER B 371 5.83 -25.67 30.47
CA SER B 371 5.12 -24.79 31.42
C SER B 371 3.90 -25.53 32.00
N GLY B 372 3.42 -26.55 31.30
CA GLY B 372 2.08 -27.13 31.54
C GLY B 372 0.95 -26.24 31.04
N TYR B 373 1.22 -25.13 30.36
CA TYR B 373 0.20 -24.26 29.69
C TYR B 373 -0.84 -23.75 30.70
N PRO B 374 -0.44 -23.25 31.88
CA PRO B 374 -1.41 -22.73 32.84
C PRO B 374 -2.12 -21.46 32.33
N THR B 375 -3.45 -21.38 32.46
CA THR B 375 -4.25 -20.23 31.97
C THR B 375 -4.43 -19.24 33.11
N ASP B 376 -3.82 -19.48 34.27
CA ASP B 376 -3.98 -18.61 35.45
C ASP B 376 -2.63 -18.05 35.88
N SER B 377 -1.60 -18.13 35.04
CA SER B 377 -0.33 -17.44 35.29
C SER B 377 -0.57 -15.92 35.21
N GLU B 378 0.25 -15.15 35.92
CA GLU B 378 0.14 -13.68 36.00
C GLU B 378 0.08 -13.09 34.58
N LEU B 379 0.96 -13.52 33.69
CA LEU B 379 1.09 -12.83 32.38
C LEU B 379 0.04 -13.35 31.40
N TYR B 380 -0.43 -14.59 31.55
CA TYR B 380 -1.54 -15.11 30.73
C TYR B 380 -2.77 -14.21 30.99
N LYS B 381 -3.00 -13.90 32.25
CA LYS B 381 -4.20 -13.15 32.69
C LYS B 381 -4.08 -11.69 32.25
N LEU B 382 -2.90 -11.09 32.40
CA LEU B 382 -2.62 -9.71 31.92
C LEU B 382 -2.85 -9.62 30.41
N ILE B 383 -2.30 -10.55 29.64
CA ILE B 383 -2.40 -10.55 28.15
C ILE B 383 -3.88 -10.70 27.79
N ALA B 384 -4.60 -11.57 28.49
CA ALA B 384 -6.03 -11.82 28.26
C ALA B 384 -6.84 -10.54 28.47
N SER B 385 -6.57 -9.80 29.54
CA SER B 385 -7.28 -8.53 29.88
C SER B 385 -6.95 -7.43 28.86
N ALA B 386 -5.70 -7.30 28.43
CA ALA B 386 -5.25 -6.23 27.52
C ALA B 386 -5.82 -6.51 26.13
N ASN B 387 -5.73 -7.77 25.67
CA ASN B 387 -6.29 -8.19 24.38
C ASN B 387 -7.81 -8.04 24.44
N ALA B 388 -8.46 -8.34 25.56
CA ALA B 388 -9.93 -8.22 25.65
C ALA B 388 -10.36 -6.77 25.37
N ILE B 389 -9.75 -5.78 26.04
CA ILE B 389 -10.15 -4.35 25.86
C ILE B 389 -9.77 -3.89 24.45
N ARG B 390 -8.65 -4.36 23.87
CA ARG B 390 -8.26 -3.96 22.50
C ARG B 390 -9.27 -4.52 21.52
N ASN B 391 -9.59 -5.82 21.62
CA ASN B 391 -10.58 -6.51 20.76
C ASN B 391 -11.94 -5.81 20.89
N TYR B 392 -12.33 -5.48 22.11
CA TYR B 392 -13.63 -4.81 22.36
C TYR B 392 -13.60 -3.41 21.74
N ALA B 393 -12.57 -2.61 22.02
CA ALA B 393 -12.46 -1.22 21.54
C ALA B 393 -12.58 -1.21 20.02
N ILE B 394 -11.88 -2.12 19.34
CA ILE B 394 -11.91 -2.25 17.86
C ILE B 394 -13.34 -2.58 17.38
N SER B 395 -14.03 -3.51 18.02
CA SER B 395 -15.43 -3.89 17.63
C SER B 395 -16.34 -2.65 17.71
N LYS B 396 -16.01 -1.61 18.48
CA LYS B 396 -16.88 -0.42 18.68
C LYS B 396 -16.32 0.85 18.04
N ASP B 397 -15.10 0.85 17.49
CA ASP B 397 -14.41 2.08 17.02
C ASP B 397 -13.57 1.75 15.77
N THR B 398 -14.11 2.03 14.58
CA THR B 398 -13.47 1.66 13.29
C THR B 398 -12.24 2.56 13.12
N GLY B 399 -12.10 3.63 13.91
CA GLY B 399 -10.93 4.52 13.92
C GLY B 399 -9.81 4.05 14.87
N PHE B 400 -10.04 3.09 15.76
CA PHE B 400 -9.00 2.65 16.74
C PHE B 400 -7.71 2.26 16.02
N VAL B 401 -7.80 1.40 15.02
CA VAL B 401 -6.59 0.83 14.35
C VAL B 401 -5.87 1.88 13.51
N THR B 402 -6.53 2.97 13.10
CA THR B 402 -5.90 4.03 12.28
C THR B 402 -5.63 5.27 13.13
N TYR B 403 -6.09 5.35 14.38
CA TYR B 403 -5.66 6.46 15.28
C TYR B 403 -4.21 6.24 15.71
N LYS B 404 -3.25 7.07 15.30
CA LYS B 404 -1.85 6.82 15.66
C LYS B 404 -1.65 7.12 17.15
N ASN B 405 -1.19 6.11 17.89
CA ASN B 405 -0.82 6.20 19.34
C ASN B 405 -0.15 7.53 19.66
N TRP B 406 -0.67 8.21 20.68
CA TRP B 406 -0.20 9.56 21.10
C TRP B 406 0.34 9.50 22.53
N PRO B 407 1.67 9.64 22.71
CA PRO B 407 2.28 9.73 24.04
C PRO B 407 1.92 11.08 24.68
N ILE B 408 1.15 11.06 25.78
CA ILE B 408 0.59 12.29 26.39
C ILE B 408 1.36 12.72 27.64
N TYR B 409 2.18 11.86 28.24
CA TYR B 409 2.84 12.15 29.55
C TYR B 409 4.04 11.23 29.75
N LYS B 410 5.15 11.78 30.25
CA LYS B 410 6.25 10.94 30.78
C LYS B 410 6.82 11.63 32.01
N ASP B 411 7.46 10.83 32.87
CA ASP B 411 8.32 11.32 33.99
C ASP B 411 9.39 10.23 34.14
N ASP B 412 10.22 10.27 35.18
CA ASP B 412 11.37 9.33 35.29
C ASP B 412 10.90 7.87 35.28
N THR B 413 9.69 7.56 35.74
CA THR B 413 9.23 6.16 35.95
C THR B 413 7.87 5.90 35.31
N THR B 414 7.37 6.81 34.47
CA THR B 414 6.01 6.73 33.92
C THR B 414 5.96 7.13 32.45
N ILE B 415 5.09 6.47 31.70
CA ILE B 415 4.68 6.92 30.34
C ILE B 415 3.19 6.67 30.20
N ALA B 416 2.50 7.64 29.61
CA ALA B 416 1.06 7.48 29.37
C ALA B 416 0.80 7.80 27.90
N MET B 417 -0.16 7.08 27.35
CA MET B 417 -0.41 7.17 25.89
C MET B 417 -1.90 7.03 25.65
N ARG B 418 -2.35 7.55 24.51
CA ARG B 418 -3.79 7.65 24.16
C ARG B 418 -4.01 7.12 22.75
N LYS B 419 -5.04 6.31 22.59
CA LYS B 419 -5.33 5.67 21.28
C LYS B 419 -6.82 5.43 21.17
N GLY B 420 -7.40 5.99 20.10
CA GLY B 420 -8.81 5.77 19.76
C GLY B 420 -9.54 7.08 19.59
N THR B 421 -10.63 7.01 18.81
CA THR B 421 -11.61 8.10 18.54
C THR B 421 -12.03 8.76 19.85
N ASP B 422 -11.98 10.09 19.89
CA ASP B 422 -12.44 10.92 21.04
C ASP B 422 -13.77 10.37 21.54
N GLY B 423 -13.87 10.24 22.86
CA GLY B 423 -15.04 9.66 23.56
C GLY B 423 -14.94 8.14 23.66
N SER B 424 -13.98 7.50 22.97
CA SER B 424 -13.77 6.04 23.08
C SER B 424 -12.27 5.71 23.24
N GLN B 425 -11.44 6.67 23.66
CA GLN B 425 -9.98 6.43 23.72
C GLN B 425 -9.67 5.47 24.87
N ILE B 426 -8.78 4.53 24.59
CA ILE B 426 -8.05 3.77 25.65
C ILE B 426 -6.91 4.66 26.09
N VAL B 427 -6.80 4.92 27.40
CA VAL B 427 -5.64 5.69 27.92
C VAL B 427 -4.87 4.75 28.86
N THR B 428 -3.60 4.55 28.53
CA THR B 428 -2.71 3.56 29.18
C THR B 428 -1.62 4.29 29.95
N ILE B 429 -1.50 3.94 31.23
CA ILE B 429 -0.41 4.47 32.09
C ILE B 429 0.45 3.28 32.47
N LEU B 430 1.74 3.36 32.10
CA LEU B 430 2.76 2.33 32.34
C LEU B 430 3.87 2.91 33.24
N SER B 431 4.46 2.02 34.03
CA SER B 431 5.39 2.35 35.11
C SER B 431 6.55 1.38 35.06
N ASN B 432 7.76 1.85 35.34
CA ASN B 432 8.93 0.97 35.53
C ASN B 432 9.36 1.02 37.00
N LYS B 433 8.48 1.36 37.92
CA LYS B 433 8.80 1.28 39.39
C LYS B 433 8.95 -0.18 39.82
N GLY B 434 8.30 -1.12 39.14
CA GLY B 434 8.44 -2.55 39.48
C GLY B 434 7.56 -2.91 40.65
N ALA B 435 7.67 -4.14 41.13
CA ALA B 435 6.69 -4.76 42.04
C ALA B 435 6.76 -4.12 43.43
N SER B 436 7.86 -3.47 43.79
CA SER B 436 7.96 -2.80 45.12
C SER B 436 7.66 -1.30 44.99
N GLY B 437 6.99 -0.87 43.91
CA GLY B 437 6.64 0.55 43.69
C GLY B 437 5.75 1.09 44.81
N ASP B 438 6.00 2.31 45.24
CA ASP B 438 5.24 3.05 46.28
C ASP B 438 3.84 3.37 45.77
N SER B 439 2.86 3.51 46.66
CA SER B 439 1.46 3.89 46.31
C SER B 439 1.35 5.41 46.28
N TYR B 440 0.76 5.97 45.22
CA TYR B 440 0.59 7.43 45.07
C TYR B 440 -0.50 7.66 44.03
N THR B 441 -0.91 8.92 43.86
CA THR B 441 -1.91 9.35 42.87
C THR B 441 -1.19 10.21 41.83
N LEU B 442 -1.20 9.76 40.57
CA LEU B 442 -0.69 10.54 39.42
C LEU B 442 -1.85 11.40 38.91
N SER B 443 -1.63 12.71 38.79
CA SER B 443 -2.58 13.68 38.18
C SER B 443 -2.25 13.78 36.70
N LEU B 444 -3.03 13.08 35.87
CA LEU B 444 -2.77 12.88 34.41
C LEU B 444 -3.57 13.92 33.61
N SER B 445 -2.87 14.82 32.91
CA SER B 445 -3.47 15.77 31.92
C SER B 445 -3.27 15.20 30.52
N GLY B 446 -4.13 15.58 29.58
CA GLY B 446 -4.02 15.23 28.16
C GLY B 446 -4.81 13.99 27.79
N ALA B 447 -5.56 13.38 28.72
CA ALA B 447 -6.30 12.11 28.48
C ALA B 447 -7.50 12.37 27.57
N GLY B 448 -8.06 13.58 27.60
CA GLY B 448 -9.09 14.00 26.62
C GLY B 448 -10.47 13.54 27.03
N TYR B 449 -10.63 13.10 28.27
CA TYR B 449 -11.95 12.66 28.77
C TYR B 449 -12.72 13.87 29.32
N THR B 450 -14.03 13.75 29.44
CA THR B 450 -14.90 14.88 29.88
C THR B 450 -14.85 14.95 31.42
N ALA B 451 -14.69 16.14 32.00
CA ALA B 451 -14.63 16.36 33.46
C ALA B 451 -15.82 15.60 34.09
N GLY B 452 -15.57 14.89 35.20
CA GLY B 452 -16.59 14.11 35.91
C GLY B 452 -16.89 12.75 35.30
N GLN B 453 -16.32 12.38 34.15
CA GLN B 453 -16.62 11.09 33.47
C GLN B 453 -16.10 9.90 34.31
N GLN B 454 -16.89 8.83 34.41
CA GLN B 454 -16.49 7.54 35.05
C GLN B 454 -15.64 6.75 34.04
N LEU B 455 -14.42 6.35 34.44
CA LEU B 455 -13.55 5.43 33.66
C LEU B 455 -13.46 4.11 34.41
N THR B 456 -13.28 3.02 33.68
CA THR B 456 -12.87 1.69 34.21
C THR B 456 -11.37 1.49 33.97
N GLU B 457 -10.63 1.18 35.02
CA GLU B 457 -9.28 0.57 34.91
C GLU B 457 -9.50 -0.91 34.62
N VAL B 458 -9.32 -1.35 33.37
CA VAL B 458 -9.84 -2.68 32.93
C VAL B 458 -8.88 -3.82 33.29
N ILE B 459 -7.68 -3.52 33.80
CA ILE B 459 -6.71 -4.56 34.26
C ILE B 459 -7.16 -5.06 35.64
N GLY B 460 -7.37 -4.15 36.59
CA GLY B 460 -7.81 -4.47 37.97
C GLY B 460 -9.31 -4.34 38.17
N CYS B 461 -10.06 -3.86 37.18
CA CYS B 461 -11.55 -3.66 37.22
C CYS B 461 -11.97 -2.77 38.39
N THR B 462 -11.36 -1.58 38.50
CA THR B 462 -11.76 -0.51 39.45
C THR B 462 -12.34 0.66 38.64
N THR B 463 -12.93 1.65 39.32
CA THR B 463 -13.37 2.89 38.61
C THR B 463 -12.52 4.07 39.09
N VAL B 464 -12.28 5.00 38.17
CA VAL B 464 -11.70 6.32 38.47
C VAL B 464 -12.58 7.38 37.79
N THR B 465 -12.74 8.52 38.46
CA THR B 465 -13.59 9.67 38.05
C THR B 465 -12.65 10.76 37.56
N VAL B 466 -12.93 11.34 36.40
CA VAL B 466 -12.13 12.48 35.88
C VAL B 466 -12.40 13.69 36.81
N GLY B 467 -11.34 14.38 37.22
CA GLY B 467 -11.39 15.67 37.95
C GLY B 467 -12.24 16.67 37.18
N SER B 468 -12.81 17.67 37.88
CA SER B 468 -13.59 18.78 37.29
C SER B 468 -12.65 19.67 36.46
N ASP B 469 -11.34 19.63 36.76
CA ASP B 469 -10.25 20.28 35.97
C ASP B 469 -9.90 19.45 34.71
N GLY B 470 -10.58 18.32 34.46
CA GLY B 470 -10.33 17.44 33.29
C GLY B 470 -9.19 16.42 33.51
N ASN B 471 -8.32 16.63 34.50
CA ASN B 471 -7.19 15.72 34.87
C ASN B 471 -7.73 14.45 35.55
N VAL B 472 -7.03 13.33 35.32
CA VAL B 472 -7.42 11.99 35.82
C VAL B 472 -6.52 11.68 37.01
N PRO B 473 -7.13 11.42 38.19
CA PRO B 473 -6.39 11.01 39.38
C PRO B 473 -6.15 9.50 39.26
N VAL B 474 -4.97 9.09 38.75
CA VAL B 474 -4.67 7.65 38.45
C VAL B 474 -4.07 7.04 39.71
N PRO B 475 -4.72 6.04 40.35
CA PRO B 475 -4.16 5.34 41.50
C PRO B 475 -3.00 4.46 41.03
N MET B 476 -1.80 4.70 41.57
CA MET B 476 -0.54 4.01 41.20
C MET B 476 -0.07 3.18 42.40
N ALA B 477 0.07 1.87 42.23
CA ALA B 477 0.52 0.93 43.28
C ALA B 477 1.16 -0.30 42.64
N GLY B 478 2.13 -0.92 43.34
CA GLY B 478 2.75 -2.21 42.93
C GLY B 478 3.35 -2.14 41.52
N GLY B 479 3.75 -0.95 41.06
CA GLY B 479 4.27 -0.70 39.71
C GLY B 479 3.35 -1.24 38.62
N LEU B 480 2.04 -1.36 38.86
CA LEU B 480 1.12 -2.04 37.95
C LEU B 480 0.75 -1.13 36.78
N PRO B 481 0.47 -1.71 35.59
CA PRO B 481 -0.04 -0.96 34.45
C PRO B 481 -1.52 -0.63 34.69
N ARG B 482 -1.97 0.52 34.22
CA ARG B 482 -3.40 0.91 34.31
C ARG B 482 -3.89 1.17 32.89
N VAL B 483 -5.08 0.66 32.56
CA VAL B 483 -5.67 0.80 31.21
C VAL B 483 -7.10 1.30 31.39
N LEU B 484 -7.31 2.57 31.05
CA LEU B 484 -8.57 3.30 31.27
C LEU B 484 -9.38 3.32 29.99
N TYR B 485 -10.69 3.21 30.14
CA TYR B 485 -11.70 3.24 29.06
C TYR B 485 -13.03 3.69 29.69
N PRO B 486 -13.79 4.54 28.98
CA PRO B 486 -15.05 5.08 29.52
C PRO B 486 -16.03 3.98 29.95
N THR B 487 -16.47 4.02 31.20
CA THR B 487 -17.38 2.99 31.79
C THR B 487 -18.62 2.84 30.90
N GLU B 488 -19.18 3.96 30.42
CA GLU B 488 -20.45 3.93 29.64
C GLU B 488 -20.23 3.08 28.38
N LYS B 489 -19.04 3.09 27.76
CA LYS B 489 -18.79 2.37 26.48
C LYS B 489 -18.65 0.86 26.69
N LEU B 490 -18.47 0.40 27.94
CA LEU B 490 -18.32 -1.03 28.27
C LEU B 490 -19.69 -1.65 28.49
N ALA B 491 -20.73 -0.83 28.69
CA ALA B 491 -22.12 -1.27 28.93
C ALA B 491 -22.47 -2.41 27.97
N GLY B 492 -22.88 -3.57 28.50
CA GLY B 492 -23.32 -4.73 27.70
C GLY B 492 -22.20 -5.72 27.44
N SER B 493 -20.93 -5.30 27.63
CA SER B 493 -19.71 -6.13 27.40
C SER B 493 -19.40 -7.00 28.63
N LYS B 494 -18.45 -7.93 28.51
CA LYS B 494 -18.15 -8.94 29.56
C LYS B 494 -16.94 -8.50 30.38
N ILE B 495 -16.35 -7.36 30.03
CA ILE B 495 -15.09 -6.83 30.63
C ILE B 495 -15.43 -6.24 31.99
N CYS B 496 -14.84 -6.78 33.07
CA CYS B 496 -15.07 -6.31 34.46
C CYS B 496 -16.56 -6.44 34.81
N SER B 497 -17.19 -7.55 34.39
CA SER B 497 -18.65 -7.85 34.56
C SER B 497 -19.17 -7.24 35.86
C1 NAG C . -13.52 -7.40 -35.66
C2 NAG C . -15.00 -7.06 -35.36
C3 NAG C . -15.96 -8.26 -35.48
C4 NAG C . -15.86 -8.96 -36.82
C5 NAG C . -14.39 -8.99 -37.28
C6 NAG C . -14.47 -9.09 -38.78
C7 NAG C . -15.31 -5.21 -33.80
C8 NAG C . -15.52 -4.81 -32.36
N2 NAG C . -15.07 -6.49 -34.01
O3 NAG C . -17.33 -7.79 -35.31
O4 NAG C . -16.37 -10.34 -36.87
O5 NAG C . -13.47 -7.90 -36.99
O6 NAG C . -13.58 -10.17 -38.95
O7 NAG C . -15.41 -4.42 -34.74
H1 NAG C . -13.24 -8.20 -34.96
H2 NAG C . -15.29 -6.29 -36.09
H3 NAG C . -15.71 -8.98 -34.69
H4 NAG C . -16.44 -8.41 -37.57
H5 NAG C . -14.03 -9.91 -36.79
H61 NAG C . -14.14 -8.15 -39.22
H62 NAG C . -15.50 -9.30 -39.08
H81 NAG C . -14.65 -5.07 -31.80
H82 NAG C . -15.70 -3.78 -32.29
H83 NAG C . -16.36 -5.35 -31.97
HN2 NAG C . -14.94 -7.11 -33.23
HO3 NAG C . -17.93 -8.54 -35.34
HO4 NAG C . -16.31 -10.68 -37.77
HO6 NAG C . -13.51 -10.37 -39.89
C1 EDO D . -35.65 15.13 -26.76
O1 EDO D . -35.69 14.57 -25.43
C2 EDO D . -34.68 16.24 -26.99
O2 EDO D . -33.31 15.90 -26.76
H11 EDO D . -36.54 15.49 -26.98
H12 EDO D . -35.42 14.43 -27.39
HO1 EDO D . -36.27 13.96 -25.40
H21 EDO D . -34.89 16.99 -26.39
H22 EDO D . -34.75 16.53 -27.93
HO2 EDO D . -33.25 15.10 -26.51
C1 EDO E . -10.17 28.01 -22.28
O1 EDO E . -11.31 27.52 -21.64
C2 EDO E . -9.76 29.34 -21.81
O2 EDO E . -8.82 29.30 -20.75
H11 EDO E . -10.34 28.07 -23.24
H12 EDO E . -9.42 27.39 -22.11
HO1 EDO E . -11.50 26.76 -21.94
H21 EDO E . -10.56 29.83 -21.49
H22 EDO E . -9.35 29.83 -22.55
HO2 EDO E . -8.66 28.49 -20.56
CA CA F . -26.01 -0.50 -14.59
C1 GLC G . -21.11 11.55 -20.70
C2 GLC G . -20.84 12.90 -21.37
C3 GLC G . -21.56 14.06 -20.68
C4 GLC G . -23.04 13.64 -20.48
C5 GLC G . -23.14 12.31 -19.73
C6 GLC G . -24.58 11.87 -19.45
O2 GLC G . -19.43 13.17 -21.43
O3 GLC G . -21.43 15.25 -21.44
O4 GLC G . -23.72 14.63 -19.73
O5 GLC G . -22.51 11.28 -20.50
O6 GLC G . -25.27 11.84 -20.68
H1 GLC G . -20.67 10.81 -21.39
H2 GLC G . -21.24 12.84 -22.39
H3 GLC G . -21.12 14.26 -19.70
H4 GLC G . -23.51 13.52 -21.46
H5 GLC G . -22.61 12.42 -18.77
H61 GLC G . -25.06 12.58 -18.78
H62 GLC G . -24.57 10.88 -19.00
HO2 GLC G . -18.95 12.44 -21.03
HO3 GLC G . -21.89 15.97 -20.98
HO4 GLC G . -24.65 14.36 -19.61
HO6 GLC G . -26.18 11.56 -20.54
C7 P9Q H . -18.93 10.50 -15.30
O1 P9Q H . -20.42 11.45 -19.43
C10 P9Q H . -19.13 11.03 -13.84
C1' P9Q H . -17.62 8.72 -17.51
C2' P9Q H . -17.22 9.71 -18.66
C3' P9Q H . -18.19 10.89 -18.76
C4' P9Q H . -19.54 10.32 -19.17
C5' P9Q H . -20.12 9.45 -18.06
C6' P9Q H . -21.22 8.60 -18.67
O2' P9Q H . -15.90 10.14 -18.38
O3' P9Q H . -17.77 11.94 -19.65
O6' P9Q H . -21.59 7.66 -17.65
C7' P9Q H . -19.11 8.65 -17.12
N1 P9Q H . -19.32 9.07 -15.64
C11 P9Q H . -19.26 12.59 -13.72
C12 P9Q H . -18.66 13.29 -12.47
C13 P9Q H . -19.16 14.71 -12.18
H71 P9Q H . -17.87 10.64 -15.49
H7 P9Q H . -19.51 11.20 -15.92
H101 P9Q H . -20.03 10.59 -13.42
H10 P9Q H . -18.28 10.71 -13.22
H1'1 P9Q H . -17.05 9.21 -16.71
H2' P9Q H . -17.26 9.15 -19.60
H3' P9Q H . -18.30 11.36 -17.76
H4' P9Q H . -19.43 9.74 -20.09
H5' P9Q H . -20.58 10.24 -17.44
H6'2 P9Q H . -20.86 8.07 -19.55
H6'1 P9Q H . -22.08 9.21 -18.94
HO2' P9Q H . -15.32 9.37 -18.32
HO3' P9Q H . -16.91 12.28 -19.36
HO6' P9Q H . -22.30 7.08 -17.99
H7' P9Q H . -19.44 7.61 -17.16
HN1 P9Q H . -19.71 8.27 -15.11
H111 P9Q H . -18.77 13.06 -14.58
H11 P9Q H . -20.31 12.87 -13.74
H121 P9Q H . -18.87 12.69 -11.58
H12 P9Q H . -17.58 13.35 -12.57
H131 P9Q H . -18.94 15.35 -13.03
H13 P9Q H . -20.25 14.69 -12.04
CA CA I . 21.33 -11.81 -0.14
C1 NAG J . 0.78 -26.20 -4.74
C2 NAG J . 2.26 -26.50 -4.87
C3 NAG J . 2.64 -26.63 -6.35
C4 NAG J . 1.85 -27.76 -7.01
C5 NAG J . 0.36 -27.53 -6.74
C6 NAG J . -0.40 -28.79 -7.15
C7 NAG J . 3.69 -25.53 -3.09
C8 NAG J . 4.48 -24.31 -2.68
N2 NAG J . 3.05 -25.44 -4.25
O3 NAG J . 4.03 -26.89 -6.55
O4 NAG J . 2.19 -27.94 -8.42
O5 NAG J . 0.06 -27.30 -5.32
O6 NAG J . 0.05 -29.84 -6.25
O7 NAG J . 3.65 -26.52 -2.40
H1 NAG J . 0.57 -25.28 -5.31
H2 NAG J . 2.47 -27.46 -4.38
H3 NAG J . 2.38 -25.69 -6.87
H4 NAG J . 2.14 -28.71 -6.56
H5 NAG J . 0.05 -26.65 -7.32
H61 NAG J . -0.16 -29.03 -8.19
H62 NAG J . -1.47 -28.63 -7.05
H81 NAG J . 3.83 -23.49 -2.60
H82 NAG J . 4.94 -24.49 -1.74
H83 NAG J . 5.22 -24.12 -3.41
HN2 NAG J . 3.13 -24.55 -4.73
HO3 NAG J . 4.22 -26.93 -7.50
HO4 NAG J . 1.74 -28.71 -8.76
HO6 NAG J . -0.40 -30.68 -6.48
C1 EDO K . 12.75 -21.03 30.95
O1 EDO K . 13.86 -20.37 30.34
C2 EDO K . 12.50 -20.75 32.39
O2 EDO K . 12.45 -19.38 32.79
H11 EDO K . 12.88 -22.01 30.89
H12 EDO K . 11.93 -20.78 30.47
HO1 EDO K . 13.92 -20.60 29.53
H21 EDO K . 13.21 -21.16 32.93
H22 EDO K . 11.63 -21.13 32.65
HO2 EDO K . 12.58 -18.89 32.13
C1 EDO L . 29.52 -32.89 13.47
O1 EDO L . 29.75 -31.64 14.06
C2 EDO L . 28.40 -33.58 14.10
O2 EDO L . 28.49 -33.61 15.50
H11 EDO L . 30.34 -33.43 13.55
H12 EDO L . 29.32 -32.74 12.51
HO1 EDO L . 30.41 -31.27 13.68
H21 EDO L . 28.38 -34.51 13.78
H22 EDO L . 27.56 -33.13 13.86
HO2 EDO L . 29.20 -33.21 15.74
C1 EDO M . 14.79 -4.84 39.04
O1 EDO M . 14.14 -4.28 40.12
C2 EDO M . 14.83 -4.01 37.87
O2 EDO M . 15.62 -2.86 37.97
H11 EDO M . 14.33 -5.67 38.79
H12 EDO M . 15.72 -5.04 39.30
HO1 EDO M . 14.14 -4.82 40.77
H21 EDO M . 13.92 -3.70 37.65
H22 EDO M . 15.18 -4.52 37.12
HO2 EDO M . 15.97 -2.83 38.75
C1 GLC N . 18.27 -18.78 12.00
C2 GLC N . 18.25 -19.69 13.21
C3 GLC N . 19.47 -19.53 14.10
C4 GLC N . 20.74 -19.65 13.26
C5 GLC N . 20.68 -18.68 12.08
C6 GLC N . 21.92 -18.73 11.14
O2 GLC N . 17.11 -19.34 14.01
O3 GLC N . 19.44 -20.45 15.22
O4 GLC N . 21.85 -19.39 14.11
O5 GLC N . 19.51 -18.98 11.31
O6 GLC N . 22.07 -20.10 10.71
H1 GLC N . 17.43 -19.06 11.34
H2 GLC N . 18.17 -20.74 12.89
H3 GLC N . 19.46 -18.54 14.58
H4 GLC N . 20.80 -20.67 12.87
H5 GLC N . 20.64 -17.66 12.48
H61 GLC N . 22.80 -18.40 11.69
H62 GLC N . 21.75 -18.08 10.29
HO2 GLC N . 16.63 -18.61 13.57
HO3 GLC N . 20.23 -20.32 15.76
HO4 GLC N . 22.67 -19.46 13.60
HO6 GLC N . 22.84 -20.17 10.11
C7 P9Q O . 17.96 -12.86 12.44
O1 P9Q O . 18.11 -17.41 12.37
C10 P9Q O . 18.96 -11.78 12.89
C1' P9Q O . 15.49 -14.16 11.07
C2' P9Q O . 15.01 -15.32 11.95
C3' P9Q O . 16.20 -16.00 12.67
C4' P9Q O . 17.11 -16.66 11.65
C5' P9Q O . 17.76 -15.57 10.81
C6' P9Q O . 18.24 -16.19 9.53
O2' P9Q O . 14.02 -14.82 12.87
O3' P9Q O . 15.87 -16.94 13.69
O6' P9Q O . 18.80 -15.22 8.59
C7' P9Q O . 16.95 -14.24 10.54
N1 P9Q O . 17.74 -13.03 10.97
C11 P9Q O . 19.30 -11.99 14.40
C12 P9Q O . 19.90 -10.78 15.15
C13 P9Q O . 20.45 -11.10 16.55
C14 P9Q O . 20.77 -9.85 17.39
H71 P9Q O . 17.02 -12.60 12.92
H7 P9Q O . 18.34 -13.79 12.87
H101 P9Q O . 19.86 -11.85 12.29
H10 P9Q O . 18.51 -10.79 12.74
H1'1 P9Q O . 15.41 -13.36 11.81
H2' P9Q O . 14.52 -16.06 11.32
H3' P9Q O . 16.78 -15.23 13.20
H4' P9Q O . 16.51 -17.35 11.03
H5' P9Q O . 18.63 -15.34 11.44
H6'2 P9Q O . 17.39 -16.70 9.07
H6'1 P9Q O . 19.00 -16.92 9.79
HO2' P9Q O . 13.31 -14.41 12.37
HO3' P9Q O . 15.31 -16.53 14.35
HO6' P9Q O . 19.09 -15.67 7.79
H7' P9Q O . 16.93 -14.15 9.45
HN1 P9Q O . 18.03 -12.49 10.14
H111 P9Q O . 18.39 -12.26 14.94
H11 P9Q O . 20.02 -12.80 14.50
H121 P9Q O . 20.71 -10.35 14.57
H12 P9Q O . 19.14 -10.01 15.27
H131 P9Q O . 19.73 -11.70 17.09
H13 P9Q O . 21.38 -11.69 16.45
H14 P9Q O . 19.85 -9.25 17.51
H141 P9Q O . 21.50 -9.23 16.85
#